data_8HCX
#
_entry.id   8HCX
#
_cell.length_a   1.00
_cell.length_b   1.00
_cell.length_c   1.00
_cell.angle_alpha   90.00
_cell.angle_beta   90.00
_cell.angle_gamma   90.00
#
_symmetry.space_group_name_H-M   'P 1'
#
loop_
_entity.id
_entity.type
_entity.pdbx_description
1 polymer 'Guanine nucleotide-binding protein G(q) subunit alpha-1'
2 polymer 'Guanine nucleotide-binding protein G(I)/G(S)/G(T) subunit beta-1'
3 polymer 'Endothelin receptor type B,Oplophorus-luciferin 2-monooxygenase catalytic subunit chimera'
4 polymer Endothelin-1
5 polymer scFv16
6 polymer 'Guanine nucleotide-binding protein G(I)/G(S)/G(O) subunit gamma-2'
#
loop_
_entity_poly.entity_id
_entity_poly.type
_entity_poly.pdbx_seq_one_letter_code
_entity_poly.pdbx_strand_id
1 'polypeptide(L)'
;MGSTVSAEDKAAAERSKMIDKNLREDGEKARRTLRLLLLGADNSGKSTIVKQMRILHGGSGGSGGTSGIFETKFQVDKVN
FHMFDVGGQRDERRKWIQCFNDVTAIIFVVDSSDYNRLQEALNDFKSIWNNRWLRTISVILFLNKQDLLAEKVLAGKSKI
EDYFPEFARYTTPEDATPEPGEDPRVTRAKYFIRKEFVDISTASGDGRHICYPHFTCAVDTENARRIFNDCKDIILQMNL
REYNLV
;
A
2 'polypeptide(L)'
;MHHHHHHGSLLQSELDQLRQEAEQLKNQIRDARKACADATLSQITNNIDPVGRIQMRTRRTLRGHLAKIYAMHWGTDSRL
LVSASQDGKLIIWDSYTTNKVHAIPLRSSWVMTCAYAPSGNYVACGGLDNICSIYNLKTREGNVRVSRELAGHTGYLSCC
RFLDDNQIVTSSGDTTCALWDIETGQQTTTFTGHTGDVMSLSLAPDTRLFVSGACDASAKLWDVREGMCRQTFTGHESDI
NAICFFPNGNAFATGSDDATCRLFDLRADQELMTYSHDNIICGITSVSFSKSGRLLLAGYDDFNCNVWDALKADRAGVLA
GHDNRVSCLGVTDDGMAVATGSWDSFLKIWNGSSGGGGSGGGGSSGVSGWRLFKKIS
;
B
3 'polypeptide(L)'
;MDSKGSSQKGSRLLLLLVVSNLLLCQGVVSDYKDDDDVDHHHHHHHHEERGFPPDRATPLLQTAEIMTPPTKTLWPKGSN
ASLARSLAPAEVPKGDRTAGSPPRTISPPPCQGPIEIKETFKYINTVVSCLVFVLGIIGNSTLLRIIYKNKCMRNGPNIL
IASLALGDLLHIVIDIPINVYKLLAEDWPFGAEMCKLVPFIQKASVGITVLSLCALSIDRYRAVASWSRIKGIGVPKWTA
VEIVLIWVVSVVLAVPEAIGFDIITMDYKGSYLRICLLHPVQKTAFMQFYKTAKDWWLFSFYFCLPLAITAFFYTLMTCE
MLRKKSGMQIALNDHLKQRREVAKTVFCLVLVFALCWLPLHLSRILKLTLYNQNDPNRCELLSFLLVLDYIGINMASLNS
CINPIALYLVSKRFKNCFKSCLCCWCQSFEEKQSLEEKQSCLKFKVFTLEDFVGDWEQTAAYNLDQVLEQGGVSSLLQNL
AVSVTPIQRIVRSGENALKIDIHVIIPYEGLSADQMAQIEEVFKVVYPVDDHHFKVILPYGTLVIDGVTPNMLNYFGRPY
EGIAVFDGKKITVTGTLWNGNKIIDERLITPDGSMLFRVTINS
;
C
4 'polypeptide(L)' CSCSSLMDKECVYFCHLDIIW D
5 'polypeptide(L)'
;MLLVNQSHQGFNKEHTSKMVSAIVLYVLLAAAAHSAFAVQLVESGGGLVQPGGSRKLSCSASGFAFSSFGMHWVRQAPEK
GLEWVAYISSGSGTIYYADTVKGRFTISRDDPKNTLFLQMTSLRSEDTAMYYCVRSIYYYGSSPFDFWGQGTTLTVSAGG
GGSGGGGSGGGGSADIVMTQATSSVPVTPGESVSISCRSSKSLLHSNGNTYLYWFLQRPGQSPQLLIYRMSNLASGVPDR
FSGSGSGTAFTLTISRLEAEDVGVYYCMQHLEYPLTFGAGTKLEL
;
E
6 'polypeptide(L)' MASNNTASIAQARKLVEQLKMEANIDRIKVSKAAADLMAYCEAHAKEDPLLTPVPASENPFREKKFFCAIL G
#
# COMPACT_ATOMS: atom_id res chain seq x y z
N GLU A 8 4.27 20.13 19.87
CA GLU A 8 3.87 20.97 18.74
C GLU A 8 3.23 20.12 17.64
N ASP A 9 1.94 19.83 17.81
CA ASP A 9 1.24 19.02 16.81
C ASP A 9 1.15 19.74 15.48
N LYS A 10 0.89 21.05 15.48
CA LYS A 10 0.72 21.79 14.24
C LYS A 10 2.00 21.78 13.41
N ALA A 11 3.15 22.01 14.06
CA ALA A 11 4.42 22.00 13.33
C ALA A 11 4.78 20.60 12.86
N ALA A 12 4.53 19.59 13.68
CA ALA A 12 4.82 18.21 13.28
C ALA A 12 3.92 17.77 12.14
N ALA A 13 2.64 18.14 12.19
CA ALA A 13 1.71 17.75 11.13
C ALA A 13 2.09 18.38 9.80
N GLU A 14 2.54 19.64 9.82
CA GLU A 14 2.96 20.29 8.58
C GLU A 14 4.15 19.57 7.96
N ARG A 15 5.10 19.13 8.80
CA ARG A 15 6.23 18.36 8.29
C ARG A 15 5.76 17.06 7.66
N SER A 16 4.80 16.39 8.29
CA SER A 16 4.20 15.21 7.68
C SER A 16 3.48 15.56 6.39
N LYS A 17 2.75 16.69 6.39
CA LYS A 17 2.09 17.14 5.17
C LYS A 17 3.09 17.50 4.09
N MET A 18 4.30 17.91 4.48
CA MET A 18 5.34 18.17 3.49
C MET A 18 5.91 16.88 2.93
N ILE A 19 6.10 15.87 3.79
CA ILE A 19 6.75 14.63 3.37
C ILE A 19 5.86 13.86 2.41
N ASP A 20 4.58 13.67 2.76
CA ASP A 20 3.72 12.85 1.93
C ASP A 20 3.43 13.50 0.59
N LYS A 21 3.41 14.83 0.52
CA LYS A 21 3.23 15.51 -0.75
C LYS A 21 4.41 15.23 -1.69
N ASN A 22 5.63 15.27 -1.14
CA ASN A 22 6.79 14.90 -1.95
C ASN A 22 6.76 13.42 -2.31
N LEU A 23 6.25 12.57 -1.41
CA LEU A 23 6.10 11.16 -1.73
C LEU A 23 5.14 10.96 -2.89
N ARG A 24 4.01 11.67 -2.87
CA ARG A 24 3.07 11.58 -3.98
C ARG A 24 3.64 12.22 -5.24
N GLU A 25 4.33 13.35 -5.10
CA GLU A 25 4.91 14.02 -6.26
C GLU A 25 6.00 13.16 -6.90
N ASP A 26 6.85 12.55 -6.08
CA ASP A 26 7.87 11.65 -6.58
C ASP A 26 7.36 10.25 -6.86
N GLY A 27 6.16 9.91 -6.36
CA GLY A 27 5.57 8.62 -6.63
C GLY A 27 4.72 8.64 -7.88
N GLU A 28 4.17 9.82 -8.21
CA GLU A 28 3.40 9.96 -9.45
C GLU A 28 4.31 9.81 -10.66
N LYS A 29 5.53 10.36 -10.59
CA LYS A 29 6.49 10.20 -11.66
C LYS A 29 7.02 8.77 -11.75
N ALA A 30 6.82 7.96 -10.73
CA ALA A 30 7.21 6.55 -10.75
C ALA A 30 6.18 5.68 -11.46
N ARG A 31 5.01 6.21 -11.77
CA ARG A 31 3.98 5.49 -12.51
C ARG A 31 4.05 5.75 -14.01
N ARG A 32 4.40 6.98 -14.42
CA ARG A 32 4.57 7.27 -15.83
C ARG A 32 5.75 6.54 -16.44
N THR A 33 6.67 6.04 -15.61
CA THR A 33 7.78 5.22 -16.08
C THR A 33 7.48 3.76 -15.78
N LEU A 34 7.55 2.92 -16.81
CA LEU A 34 7.18 1.52 -16.70
C LEU A 34 8.41 0.67 -16.46
N ARG A 35 8.34 -0.20 -15.46
CA ARG A 35 9.47 -1.04 -15.09
C ARG A 35 9.47 -2.32 -15.92
N LEU A 36 10.68 -2.84 -16.17
CA LEU A 36 10.84 -4.07 -16.95
C LEU A 36 11.90 -4.94 -16.28
N LEU A 37 11.73 -6.24 -16.43
CA LEU A 37 12.63 -7.23 -15.85
C LEU A 37 13.28 -8.04 -16.97
N LEU A 38 14.60 -8.20 -16.89
CA LEU A 38 15.37 -8.94 -17.87
C LEU A 38 15.95 -10.18 -17.23
N LEU A 39 15.70 -11.34 -17.83
CA LEU A 39 16.22 -12.61 -17.36
C LEU A 39 16.70 -13.43 -18.55
N GLY A 40 17.67 -14.29 -18.30
CA GLY A 40 18.19 -15.15 -19.35
C GLY A 40 19.50 -15.78 -18.93
N ALA A 41 19.96 -16.68 -19.78
CA ALA A 41 21.22 -17.38 -19.55
C ALA A 41 22.41 -16.47 -19.87
N ASP A 42 23.57 -16.82 -19.30
CA ASP A 42 24.77 -16.04 -19.55
C ASP A 42 25.21 -16.13 -21.01
N ASN A 43 24.93 -17.26 -21.68
CA ASN A 43 25.30 -17.40 -23.08
C ASN A 43 24.55 -16.40 -23.95
N SER A 44 23.27 -16.18 -23.67
CA SER A 44 22.47 -15.26 -24.47
C SER A 44 22.96 -13.82 -24.27
N GLY A 45 22.93 -13.05 -25.36
CA GLY A 45 23.37 -11.67 -25.32
C GLY A 45 22.35 -10.73 -24.72
N LYS A 46 22.13 -10.84 -23.41
CA LYS A 46 21.16 -9.97 -22.75
C LYS A 46 21.60 -8.51 -22.79
N SER A 47 22.90 -8.25 -22.60
CA SER A 47 23.40 -6.88 -22.60
C SER A 47 23.30 -6.23 -23.97
N THR A 48 23.20 -7.02 -25.04
CA THR A 48 23.08 -6.45 -26.38
C THR A 48 21.80 -5.64 -26.53
N ILE A 49 20.70 -6.15 -26.00
CA ILE A 49 19.42 -5.45 -26.08
C ILE A 49 19.42 -4.22 -25.18
N SER A 67 28.98 -4.84 -9.60
CA SER A 67 27.77 -4.27 -9.02
C SER A 67 26.67 -5.33 -8.91
N GLY A 68 25.47 -4.89 -8.59
CA GLY A 68 24.34 -5.79 -8.45
C GLY A 68 23.33 -5.66 -9.57
N ILE A 69 22.16 -5.09 -9.25
CA ILE A 69 21.12 -4.91 -10.25
C ILE A 69 21.51 -3.80 -11.21
N PHE A 70 21.46 -4.09 -12.50
CA PHE A 70 21.78 -3.12 -13.54
C PHE A 70 20.48 -2.58 -14.13
N GLU A 71 20.32 -1.26 -14.12
CA GLU A 71 19.13 -0.60 -14.63
C GLU A 71 19.49 0.23 -15.85
N THR A 72 18.74 0.06 -16.93
CA THR A 72 18.96 0.79 -18.17
C THR A 72 17.94 1.93 -18.28
N LYS A 73 18.44 3.14 -18.54
CA LYS A 73 17.61 4.32 -18.64
C LYS A 73 17.38 4.63 -20.12
N PHE A 74 16.26 4.15 -20.65
CA PHE A 74 15.87 4.42 -22.03
C PHE A 74 14.36 4.54 -22.10
N GLN A 75 13.90 5.31 -23.08
CA GLN A 75 12.48 5.60 -23.23
C GLN A 75 12.10 5.58 -24.70
N VAL A 76 10.82 5.29 -24.95
CA VAL A 76 10.27 5.36 -26.31
C VAL A 76 8.79 5.69 -26.21
N ASP A 77 8.34 6.54 -27.12
CA ASP A 77 6.98 7.09 -27.16
C ASP A 77 6.64 7.61 -25.75
N LYS A 78 7.36 8.67 -25.38
CA LYS A 78 7.07 9.49 -24.21
C LYS A 78 6.87 8.72 -22.90
N VAL A 79 7.27 7.45 -22.84
CA VAL A 79 7.21 6.68 -21.60
C VAL A 79 8.57 6.04 -21.36
N ASN A 80 9.08 6.17 -20.14
CA ASN A 80 10.38 5.62 -19.78
C ASN A 80 10.25 4.15 -19.42
N PHE A 81 11.20 3.35 -19.91
CA PHE A 81 11.25 1.92 -19.64
C PHE A 81 12.46 1.62 -18.77
N HIS A 82 12.24 0.97 -17.63
CA HIS A 82 13.28 0.64 -16.69
C HIS A 82 13.54 -0.86 -16.75
N MET A 83 14.58 -1.26 -17.49
CA MET A 83 14.97 -2.66 -17.60
C MET A 83 15.93 -3.01 -16.48
N PHE A 84 15.57 -4.02 -15.69
CA PHE A 84 16.36 -4.44 -14.54
C PHE A 84 17.08 -5.74 -14.91
N ASP A 85 18.41 -5.67 -14.99
CA ASP A 85 19.24 -6.83 -15.29
C ASP A 85 19.99 -7.24 -14.03
N VAL A 86 19.91 -8.51 -13.68
CA VAL A 86 20.50 -9.03 -12.46
C VAL A 86 21.89 -9.58 -12.78
N GLY A 87 22.72 -9.66 -11.73
CA GLY A 87 24.05 -10.21 -11.86
C GLY A 87 24.57 -10.65 -10.51
N GLY A 88 25.56 -11.52 -10.53
CA GLY A 88 26.17 -12.07 -9.33
C GLY A 88 25.50 -13.31 -8.78
N GLN A 89 24.20 -13.45 -9.02
CA GLN A 89 23.48 -14.64 -8.58
C GLN A 89 24.03 -15.87 -9.29
N ARG A 90 24.27 -16.94 -8.53
CA ARG A 90 24.89 -18.13 -9.10
C ARG A 90 23.86 -19.01 -9.81
N ASP A 91 22.92 -19.58 -9.05
CA ASP A 91 21.87 -20.42 -9.64
C ASP A 91 20.49 -20.17 -9.07
N GLU A 92 20.34 -19.63 -7.87
CA GLU A 92 19.04 -19.51 -7.24
C GLU A 92 18.20 -18.45 -7.93
N ARG A 93 16.96 -18.82 -8.29
CA ARG A 93 16.06 -17.89 -8.96
C ARG A 93 14.61 -17.98 -8.47
N ARG A 94 14.33 -18.84 -7.49
CA ARG A 94 12.94 -19.12 -7.12
C ARG A 94 12.35 -18.14 -6.13
N LYS A 95 13.16 -17.30 -5.48
CA LYS A 95 12.64 -16.39 -4.47
C LYS A 95 13.19 -14.97 -4.54
N TRP A 96 14.39 -14.75 -5.07
CA TRP A 96 14.80 -13.37 -5.36
C TRP A 96 13.87 -12.71 -6.36
N ILE A 97 13.09 -13.52 -7.11
CA ILE A 97 12.07 -13.01 -8.01
C ILE A 97 10.85 -12.45 -7.27
N GLN A 98 10.75 -12.67 -5.96
CA GLN A 98 9.62 -12.16 -5.20
C GLN A 98 9.51 -10.65 -5.29
N CYS A 99 10.64 -9.95 -5.38
CA CYS A 99 10.62 -8.50 -5.50
C CYS A 99 9.99 -8.03 -6.81
N PHE A 100 9.98 -8.87 -7.83
CA PHE A 100 9.52 -8.50 -9.16
C PHE A 100 8.10 -8.96 -9.45
N ASN A 101 7.23 -8.95 -8.44
CA ASN A 101 5.82 -9.20 -8.67
C ASN A 101 5.13 -7.99 -9.30
N ASP A 102 5.59 -6.79 -8.98
CA ASP A 102 4.97 -5.55 -9.46
C ASP A 102 5.30 -5.24 -10.91
N VAL A 103 6.51 -5.57 -11.37
CA VAL A 103 6.92 -5.22 -12.72
C VAL A 103 6.00 -5.88 -13.74
N THR A 104 5.50 -5.09 -14.69
CA THR A 104 4.39 -5.54 -15.52
C THR A 104 4.79 -6.62 -16.50
N ALA A 105 6.07 -6.72 -16.85
CA ALA A 105 6.49 -7.67 -17.87
C ALA A 105 7.89 -8.18 -17.56
N ILE A 106 8.19 -9.37 -18.06
CA ILE A 106 9.47 -10.03 -17.87
C ILE A 106 10.03 -10.37 -19.25
N ILE A 107 11.31 -10.05 -19.46
CA ILE A 107 11.98 -10.33 -20.73
C ILE A 107 12.82 -11.58 -20.55
N PHE A 108 12.56 -12.59 -21.39
CA PHE A 108 13.32 -13.83 -21.39
C PHE A 108 14.18 -13.89 -22.65
N VAL A 109 15.47 -14.17 -22.47
CA VAL A 109 16.40 -14.28 -23.58
C VAL A 109 16.88 -15.72 -23.66
N VAL A 110 16.74 -16.32 -24.83
CA VAL A 110 17.14 -17.71 -25.08
C VAL A 110 18.21 -17.71 -26.15
N ASP A 111 19.34 -18.36 -25.87
CA ASP A 111 20.41 -18.50 -26.85
C ASP A 111 20.14 -19.76 -27.66
N SER A 112 19.25 -19.63 -28.64
CA SER A 112 18.87 -20.75 -29.48
C SER A 112 19.99 -21.20 -30.42
N SER A 113 21.06 -20.41 -30.54
CA SER A 113 22.16 -20.80 -31.40
C SER A 113 22.82 -22.09 -30.93
N ASP A 114 23.03 -22.23 -29.62
CA ASP A 114 23.65 -23.41 -29.05
C ASP A 114 22.57 -24.35 -28.53
N TYR A 115 22.64 -25.61 -28.95
CA TYR A 115 21.64 -26.60 -28.54
C TYR A 115 21.97 -27.26 -27.21
N ASN A 116 23.23 -27.23 -26.78
CA ASN A 116 23.62 -27.90 -25.55
C ASN A 116 22.93 -27.27 -24.34
N ARG A 117 22.88 -25.94 -24.28
CA ARG A 117 22.26 -25.24 -23.16
C ARG A 117 20.79 -24.94 -23.41
N LEU A 118 20.23 -25.40 -24.52
CA LEU A 118 18.81 -25.17 -24.77
C LEU A 118 17.95 -25.92 -23.76
N GLN A 119 18.32 -27.16 -23.44
CA GLN A 119 17.52 -27.95 -22.50
C GLN A 119 17.49 -27.33 -21.11
N GLU A 120 18.65 -26.85 -20.63
CA GLU A 120 18.69 -26.22 -19.32
C GLU A 120 18.00 -24.85 -19.35
N ALA A 121 17.98 -24.19 -20.51
CA ALA A 121 17.28 -22.92 -20.62
C ALA A 121 15.78 -23.11 -20.41
N LEU A 122 15.22 -24.18 -20.96
CA LEU A 122 13.79 -24.42 -20.80
C LEU A 122 13.44 -24.88 -19.40
N ASN A 123 14.38 -25.55 -18.72
CA ASN A 123 14.16 -25.89 -17.32
C ASN A 123 14.02 -24.63 -16.47
N ASP A 124 14.84 -23.61 -16.76
CA ASP A 124 14.67 -22.30 -16.13
C ASP A 124 13.31 -21.71 -16.52
N PHE A 125 12.92 -21.86 -17.79
CA PHE A 125 11.64 -21.35 -18.26
C PHE A 125 10.49 -21.96 -17.48
N LYS A 126 10.49 -23.28 -17.31
CA LYS A 126 9.44 -23.93 -16.55
C LYS A 126 9.49 -23.56 -15.07
N SER A 127 10.67 -23.16 -14.58
CA SER A 127 10.79 -22.79 -13.17
C SER A 127 10.04 -21.51 -12.88
N ILE A 128 10.23 -20.48 -13.71
CA ILE A 128 9.57 -19.20 -13.47
C ILE A 128 8.14 -19.17 -13.99
N TRP A 129 7.82 -20.00 -14.98
CA TRP A 129 6.44 -20.09 -15.44
C TRP A 129 5.53 -20.61 -14.33
N ASN A 130 6.01 -21.58 -13.55
CA ASN A 130 5.23 -22.20 -12.49
C ASN A 130 5.54 -21.61 -11.11
N ASN A 131 6.12 -20.41 -11.06
CA ASN A 131 6.38 -19.77 -9.78
C ASN A 131 5.07 -19.45 -9.06
N ARG A 132 5.09 -19.61 -7.74
CA ARG A 132 3.94 -19.28 -6.92
C ARG A 132 3.67 -17.78 -6.87
N TRP A 133 4.60 -16.94 -7.31
CA TRP A 133 4.40 -15.51 -7.38
C TRP A 133 4.23 -14.98 -8.79
N LEU A 134 4.84 -15.61 -9.78
CA LEU A 134 4.72 -15.20 -11.18
C LEU A 134 3.58 -15.94 -11.87
N ARG A 135 2.39 -15.91 -11.26
CA ARG A 135 1.23 -16.61 -11.80
C ARG A 135 0.26 -15.70 -12.54
N THR A 136 0.35 -14.38 -12.33
CA THR A 136 -0.52 -13.43 -13.03
C THR A 136 0.30 -12.43 -13.86
N ILE A 137 1.54 -12.77 -14.22
CA ILE A 137 2.44 -11.85 -14.89
C ILE A 137 2.96 -12.52 -16.16
N SER A 138 2.84 -11.82 -17.29
CA SER A 138 3.25 -12.35 -18.57
C SER A 138 4.76 -12.20 -18.78
N VAL A 139 5.27 -12.92 -19.77
CA VAL A 139 6.69 -12.90 -20.10
C VAL A 139 6.82 -12.61 -21.59
N ILE A 140 7.93 -11.97 -21.96
CA ILE A 140 8.23 -11.64 -23.34
C ILE A 140 9.54 -12.32 -23.71
N LEU A 141 9.55 -13.02 -24.83
CA LEU A 141 10.68 -13.84 -25.25
C LEU A 141 11.49 -13.14 -26.33
N PHE A 142 12.81 -13.28 -26.25
CA PHE A 142 13.74 -12.68 -27.20
C PHE A 142 14.82 -13.71 -27.51
N LEU A 143 14.62 -14.46 -28.59
CA LEU A 143 15.57 -15.50 -29.00
C LEU A 143 16.76 -14.82 -29.66
N ASN A 144 17.74 -14.46 -28.85
CA ASN A 144 18.91 -13.74 -29.35
C ASN A 144 19.77 -14.64 -30.23
N LYS A 145 20.62 -14.00 -31.03
CA LYS A 145 21.53 -14.69 -31.95
C LYS A 145 20.77 -15.61 -32.89
N GLN A 146 19.64 -15.13 -33.43
CA GLN A 146 18.90 -15.91 -34.40
C GLN A 146 19.70 -16.12 -35.67
N ASP A 147 20.60 -15.18 -36.01
CA ASP A 147 21.45 -15.37 -37.17
C ASP A 147 22.39 -16.55 -36.98
N LEU A 148 23.02 -16.65 -35.82
CA LEU A 148 23.93 -17.76 -35.56
C LEU A 148 23.21 -19.10 -35.67
N LEU A 149 21.92 -19.15 -35.35
CA LEU A 149 21.14 -20.34 -35.59
C LEU A 149 21.00 -20.61 -37.08
N ALA A 150 20.88 -19.55 -37.89
CA ALA A 150 20.64 -19.72 -39.32
C ALA A 150 21.82 -20.40 -40.00
N GLU A 151 23.03 -19.88 -39.80
CA GLU A 151 24.19 -20.49 -40.45
C GLU A 151 24.52 -21.86 -39.88
N LYS A 152 24.05 -22.17 -38.67
CA LYS A 152 24.33 -23.47 -38.08
C LYS A 152 23.53 -24.58 -38.77
N VAL A 153 22.26 -24.32 -39.06
CA VAL A 153 21.46 -25.33 -39.75
C VAL A 153 21.75 -25.35 -41.24
N LEU A 154 22.20 -24.23 -41.80
CA LEU A 154 22.58 -24.21 -43.22
C LEU A 154 23.77 -25.12 -43.47
N ALA A 155 24.76 -25.09 -42.58
CA ALA A 155 25.95 -25.89 -42.73
C ALA A 155 25.80 -27.21 -41.97
N GLY A 156 26.87 -27.98 -41.89
CA GLY A 156 26.86 -29.25 -41.20
C GLY A 156 27.13 -29.12 -39.73
N LYS A 157 27.52 -30.23 -39.12
CA LYS A 157 27.85 -30.30 -37.68
C LYS A 157 26.66 -29.89 -36.82
N SER A 158 25.45 -30.14 -37.31
CA SER A 158 24.23 -29.81 -36.56
C SER A 158 23.15 -30.80 -36.96
N LYS A 159 22.50 -31.40 -35.97
CA LYS A 159 21.50 -32.42 -36.24
C LYS A 159 20.50 -32.46 -35.09
N ILE A 160 19.22 -32.82 -35.37
CA ILE A 160 18.10 -33.01 -34.36
C ILE A 160 18.01 -31.84 -33.41
N GLU A 161 18.86 -30.86 -33.59
CA GLU A 161 18.93 -29.77 -32.61
C GLU A 161 19.23 -30.28 -31.21
N ASP A 162 19.88 -31.44 -31.12
CA ASP A 162 20.17 -32.09 -29.83
C ASP A 162 18.90 -32.25 -29.00
N TYR A 163 17.81 -32.61 -29.67
CA TYR A 163 16.50 -32.73 -29.04
C TYR A 163 16.01 -34.17 -29.11
N PHE A 164 14.80 -34.38 -28.62
CA PHE A 164 14.15 -35.67 -28.77
C PHE A 164 13.78 -35.89 -30.23
N PRO A 165 13.69 -37.15 -30.67
CA PRO A 165 13.43 -37.43 -32.10
C PRO A 165 12.04 -37.01 -32.56
N GLU A 166 11.27 -36.36 -31.68
CA GLU A 166 9.95 -35.86 -32.04
C GLU A 166 10.01 -34.69 -33.01
N PHE A 167 11.19 -34.08 -33.21
CA PHE A 167 11.30 -32.98 -34.17
C PHE A 167 11.09 -33.45 -35.60
N ALA A 168 11.42 -34.71 -35.90
CA ALA A 168 11.23 -35.22 -37.25
C ALA A 168 9.76 -35.24 -37.65
N ARG A 169 8.87 -35.61 -36.72
CA ARG A 169 7.45 -35.64 -37.00
C ARG A 169 6.82 -34.26 -37.12
N TYR A 170 7.55 -33.20 -36.76
CA TYR A 170 7.02 -31.86 -36.81
C TYR A 170 6.90 -31.39 -38.25
N THR A 171 5.94 -30.48 -38.49
CA THR A 171 5.72 -29.90 -39.80
C THR A 171 5.64 -28.39 -39.67
N THR A 172 6.16 -27.68 -40.66
CA THR A 172 6.16 -26.23 -40.61
C THR A 172 4.73 -25.69 -40.72
N PRO A 173 4.38 -24.70 -39.92
CA PRO A 173 3.03 -24.13 -39.99
C PRO A 173 2.91 -23.07 -41.07
N GLU A 174 1.79 -23.11 -41.80
CA GLU A 174 1.51 -22.14 -42.84
C GLU A 174 0.68 -20.96 -42.33
N ASP A 175 0.29 -20.96 -41.06
CA ASP A 175 -0.53 -19.89 -40.52
C ASP A 175 0.21 -18.55 -40.54
N ALA A 176 1.49 -18.56 -40.19
CA ALA A 176 2.29 -17.34 -40.11
C ALA A 176 3.21 -17.23 -41.32
N THR A 177 3.18 -16.07 -41.98
CA THR A 177 3.99 -15.86 -43.16
C THR A 177 5.42 -15.50 -42.77
N PRO A 178 6.41 -16.23 -43.24
CA PRO A 178 7.80 -15.89 -42.89
C PRO A 178 8.27 -14.63 -43.61
N GLU A 179 9.33 -14.05 -43.07
CA GLU A 179 9.92 -12.86 -43.67
C GLU A 179 10.53 -13.22 -45.02
N PRO A 180 10.29 -12.42 -46.05
CA PRO A 180 10.57 -12.85 -47.42
C PRO A 180 12.04 -13.15 -47.68
N GLY A 181 12.28 -14.06 -48.62
CA GLY A 181 13.62 -14.53 -48.89
C GLY A 181 14.19 -15.33 -47.75
N GLU A 182 13.37 -16.23 -47.20
CA GLU A 182 13.73 -17.04 -46.05
C GLU A 182 14.17 -18.42 -46.48
N ASP A 183 14.95 -19.07 -45.61
CA ASP A 183 15.35 -20.45 -45.82
C ASP A 183 14.27 -21.37 -45.26
N PRO A 184 13.70 -22.29 -46.06
CA PRO A 184 12.66 -23.16 -45.52
C PRO A 184 13.13 -24.08 -44.40
N ARG A 185 14.41 -24.43 -44.37
CA ARG A 185 14.93 -25.19 -43.24
C ARG A 185 15.08 -24.32 -41.99
N VAL A 186 15.47 -23.05 -42.17
CA VAL A 186 15.58 -22.15 -41.03
C VAL A 186 14.22 -21.91 -40.40
N THR A 187 13.21 -21.66 -41.23
CA THR A 187 11.86 -21.41 -40.71
C THR A 187 11.31 -22.62 -39.99
N ARG A 188 11.62 -23.83 -40.48
CA ARG A 188 11.19 -25.04 -39.81
C ARG A 188 11.78 -25.13 -38.41
N ALA A 189 13.05 -24.77 -38.25
CA ALA A 189 13.70 -24.87 -36.95
C ALA A 189 13.14 -23.86 -35.96
N LYS A 190 13.03 -22.59 -36.37
CA LYS A 190 12.62 -21.55 -35.42
C LYS A 190 11.16 -21.73 -35.01
N TYR A 191 10.29 -22.10 -35.95
CA TYR A 191 8.89 -22.29 -35.62
C TYR A 191 8.69 -23.48 -34.70
N PHE A 192 9.53 -24.51 -34.83
CA PHE A 192 9.48 -25.64 -33.91
C PHE A 192 9.82 -25.20 -32.49
N ILE A 193 10.82 -24.32 -32.35
CA ILE A 193 11.17 -23.80 -31.04
C ILE A 193 10.02 -22.98 -30.46
N ARG A 194 9.38 -22.15 -31.28
CA ARG A 194 8.22 -21.40 -30.83
C ARG A 194 7.08 -22.33 -30.45
N LYS A 195 6.89 -23.40 -31.22
CA LYS A 195 5.79 -24.32 -30.95
C LYS A 195 5.92 -24.96 -29.58
N GLU A 196 7.13 -25.38 -29.21
CA GLU A 196 7.34 -25.93 -27.88
C GLU A 196 7.26 -24.84 -26.83
N PHE A 197 7.75 -23.63 -27.17
CA PHE A 197 7.59 -22.49 -26.28
C PHE A 197 6.12 -22.20 -26.01
N VAL A 198 5.29 -22.24 -27.05
CA VAL A 198 3.85 -22.11 -26.86
C VAL A 198 3.31 -23.26 -26.02
N ASP A 199 3.80 -24.48 -26.28
CA ASP A 199 3.34 -25.65 -25.55
C ASP A 199 3.69 -25.52 -24.06
N ILE A 200 4.93 -25.13 -23.76
CA ILE A 200 5.35 -25.05 -22.36
C ILE A 200 4.63 -23.91 -21.65
N SER A 201 4.27 -22.83 -22.37
CA SER A 201 3.54 -21.74 -21.75
C SER A 201 2.08 -22.07 -21.52
N THR A 202 1.46 -22.78 -22.47
CA THR A 202 0.05 -23.14 -22.36
C THR A 202 -0.17 -24.38 -21.51
N ALA A 203 0.90 -25.05 -21.07
CA ALA A 203 0.73 -26.23 -20.22
C ALA A 203 0.11 -25.87 -18.89
N SER A 204 0.52 -24.75 -18.30
CA SER A 204 0.02 -24.31 -17.01
C SER A 204 -0.13 -22.80 -17.01
N GLY A 205 -0.94 -22.31 -16.07
CA GLY A 205 -1.21 -20.90 -15.92
C GLY A 205 -2.55 -20.45 -16.47
N ASP A 206 -3.14 -21.20 -17.39
CA ASP A 206 -4.47 -20.92 -17.96
C ASP A 206 -4.41 -19.54 -18.61
N GLY A 207 -5.48 -18.75 -18.53
CA GLY A 207 -5.55 -17.42 -19.09
C GLY A 207 -5.07 -16.31 -18.20
N ARG A 208 -4.42 -16.64 -17.08
CA ARG A 208 -3.93 -15.61 -16.16
C ARG A 208 -2.91 -14.70 -16.85
N HIS A 209 -2.00 -15.29 -17.62
CA HIS A 209 -1.00 -14.54 -18.36
C HIS A 209 -0.65 -15.30 -19.62
N ILE A 210 -0.18 -14.56 -20.63
CA ILE A 210 0.13 -15.13 -21.94
C ILE A 210 1.57 -14.80 -22.29
N CYS A 211 2.35 -15.83 -22.64
CA CYS A 211 3.71 -15.62 -23.11
C CYS A 211 3.72 -15.05 -24.52
N TYR A 212 4.69 -14.18 -24.78
CA TYR A 212 4.80 -13.48 -26.06
C TYR A 212 6.07 -13.94 -26.77
N PRO A 213 5.98 -14.87 -27.73
CA PRO A 213 7.18 -15.35 -28.43
C PRO A 213 7.56 -14.42 -29.56
N HIS A 214 8.73 -13.80 -29.45
CA HIS A 214 9.25 -12.88 -30.46
C HIS A 214 10.70 -13.18 -30.75
N PHE A 215 11.15 -12.80 -31.94
CA PHE A 215 12.51 -13.04 -32.38
C PHE A 215 13.33 -11.76 -32.30
N THR A 216 14.65 -11.94 -32.21
CA THR A 216 15.58 -10.82 -32.17
C THR A 216 16.94 -11.30 -32.65
N CYS A 217 17.79 -10.35 -33.02
CA CYS A 217 19.14 -10.66 -33.49
C CYS A 217 20.20 -9.99 -32.64
N ASP A 220 19.98 -5.52 -34.37
CA ASP A 220 18.53 -5.37 -34.35
C ASP A 220 18.12 -4.06 -33.67
N THR A 221 17.83 -3.04 -34.49
CA THR A 221 17.45 -1.74 -33.99
C THR A 221 15.94 -1.61 -33.75
N GLU A 222 15.17 -2.65 -34.08
CA GLU A 222 13.72 -2.64 -33.88
C GLU A 222 13.30 -3.22 -32.55
N ASN A 223 14.26 -3.57 -31.69
CA ASN A 223 13.92 -4.13 -30.38
C ASN A 223 13.17 -3.13 -29.52
N ALA A 224 13.56 -1.86 -29.57
CA ALA A 224 12.88 -0.84 -28.78
C ALA A 224 11.43 -0.70 -29.17
N ARG A 225 11.14 -0.71 -30.48
CA ARG A 225 9.76 -0.65 -30.93
C ARG A 225 9.01 -1.94 -30.59
N ARG A 226 9.67 -3.09 -30.77
CA ARG A 226 9.01 -4.36 -30.51
C ARG A 226 8.63 -4.52 -29.05
N ILE A 227 9.52 -4.12 -28.13
CA ILE A 227 9.23 -4.27 -26.72
C ILE A 227 8.10 -3.34 -26.29
N PHE A 228 7.96 -2.19 -26.94
CA PHE A 228 6.91 -1.24 -26.56
C PHE A 228 5.53 -1.78 -26.89
N ASN A 229 5.35 -2.35 -28.09
CA ASN A 229 4.05 -2.92 -28.45
C ASN A 229 3.69 -4.09 -27.56
N ASP A 230 4.68 -4.92 -27.21
CA ASP A 230 4.43 -6.03 -26.28
C ASP A 230 4.01 -5.51 -24.91
N CYS A 231 4.67 -4.44 -24.43
CA CYS A 231 4.31 -3.86 -23.16
C CYS A 231 2.92 -3.22 -23.22
N LYS A 232 2.58 -2.63 -24.37
CA LYS A 232 1.25 -2.06 -24.53
C LYS A 232 0.18 -3.15 -24.56
N ASP A 233 0.51 -4.31 -25.12
CA ASP A 233 -0.47 -5.38 -25.26
C ASP A 233 -0.86 -5.93 -23.89
N ILE A 234 0.13 -6.23 -23.04
CA ILE A 234 -0.17 -6.77 -21.72
C ILE A 234 -0.91 -5.72 -20.87
N ILE A 235 -0.49 -4.46 -20.97
CA ILE A 235 -1.19 -3.39 -20.25
C ILE A 235 -2.63 -3.29 -20.74
N LEU A 236 -2.84 -3.35 -22.06
CA LEU A 236 -4.20 -3.36 -22.59
C LEU A 236 -4.95 -4.61 -22.14
N GLN A 237 -4.29 -5.76 -22.18
CA GLN A 237 -4.95 -7.00 -21.78
C GLN A 237 -5.26 -7.00 -20.29
N MET A 238 -4.35 -6.48 -19.46
CA MET A 238 -4.60 -6.41 -18.03
C MET A 238 -5.76 -5.47 -17.71
N ASN A 239 -5.85 -4.34 -18.43
CA ASN A 239 -6.92 -3.38 -18.18
C ASN A 239 -8.29 -3.99 -18.46
N LEU A 240 -8.42 -4.71 -19.57
CA LEU A 240 -9.67 -5.39 -19.86
C LEU A 240 -9.95 -6.50 -18.86
N ARG A 241 -8.91 -7.16 -18.36
CA ARG A 241 -9.11 -8.20 -17.36
C ARG A 241 -9.69 -7.62 -16.07
N GLU A 242 -9.26 -6.42 -15.69
CA GLU A 242 -9.78 -5.78 -14.49
C GLU A 242 -11.20 -5.26 -14.67
N TYR A 243 -11.62 -5.02 -15.92
CA TYR A 243 -12.99 -4.58 -16.19
C TYR A 243 -13.97 -5.73 -16.34
N ASN A 244 -13.48 -6.97 -16.35
CA ASN A 244 -14.33 -8.16 -16.44
C ASN A 244 -15.20 -8.14 -17.70
N LEU A 245 -14.62 -7.72 -18.82
CA LEU A 245 -15.34 -7.79 -20.10
C LEU A 245 -14.53 -8.60 -21.09
N GLU B 14 42.64 -41.47 3.10
CA GLU B 14 42.17 -41.34 1.74
C GLU B 14 41.09 -40.27 1.63
N LEU B 15 40.24 -40.38 0.61
CA LEU B 15 39.17 -39.42 0.37
C LEU B 15 37.81 -39.92 0.83
N ASP B 16 37.49 -41.20 0.60
CA ASP B 16 36.21 -41.73 1.05
C ASP B 16 36.14 -41.81 2.57
N GLN B 17 37.29 -41.91 3.24
CA GLN B 17 37.29 -41.94 4.70
C GLN B 17 36.76 -40.65 5.29
N LEU B 18 36.94 -39.53 4.59
CA LEU B 18 36.38 -38.26 5.06
C LEU B 18 34.86 -38.32 5.08
N ARG B 19 34.25 -38.82 4.01
CA ARG B 19 32.80 -38.95 3.98
C ARG B 19 32.31 -39.97 4.99
N GLN B 20 33.06 -41.06 5.18
CA GLN B 20 32.68 -42.05 6.18
C GLN B 20 32.69 -41.44 7.59
N GLU B 21 33.72 -40.66 7.91
CA GLU B 21 33.79 -40.00 9.20
C GLU B 21 32.68 -38.97 9.36
N ALA B 22 32.36 -38.24 8.28
CA ALA B 22 31.27 -37.28 8.34
C ALA B 22 29.93 -37.97 8.61
N GLU B 23 29.68 -39.09 7.93
CA GLU B 23 28.45 -39.83 8.16
C GLU B 23 28.39 -40.38 9.58
N GLN B 24 29.54 -40.87 10.09
CA GLN B 24 29.59 -41.34 11.47
C GLN B 24 29.28 -40.21 12.44
N LEU B 25 29.80 -39.01 12.17
CA LEU B 25 29.52 -37.86 13.03
C LEU B 25 28.04 -37.49 13.01
N LYS B 26 27.43 -37.48 11.82
CA LYS B 26 26.00 -37.19 11.75
C LYS B 26 25.19 -38.24 12.50
N ASN B 27 25.55 -39.52 12.36
CA ASN B 27 24.85 -40.56 13.11
C ASN B 27 25.04 -40.37 14.62
N GLN B 28 26.23 -39.98 15.04
CA GLN B 28 26.49 -39.76 16.46
C GLN B 28 25.64 -38.63 17.02
N ILE B 29 25.57 -37.50 16.29
CA ILE B 29 24.76 -36.39 16.77
C ILE B 29 23.28 -36.74 16.74
N ARG B 30 22.84 -37.52 15.74
CA ARG B 30 21.44 -37.95 15.72
C ARG B 30 21.12 -38.85 16.91
N ASP B 31 22.01 -39.78 17.23
CA ASP B 31 21.79 -40.65 18.38
C ASP B 31 21.80 -39.86 19.69
N ALA B 32 22.71 -38.89 19.80
CA ALA B 32 22.75 -38.06 21.00
C ALA B 32 21.47 -37.25 21.15
N ARG B 33 20.97 -36.67 20.07
CA ARG B 33 19.73 -35.91 20.12
C ARG B 33 18.55 -36.81 20.48
N LYS B 34 18.50 -38.02 19.91
CA LYS B 34 17.42 -38.94 20.23
C LYS B 34 17.46 -39.35 21.70
N ALA B 35 18.67 -39.60 22.23
CA ALA B 35 18.79 -39.95 23.64
C ALA B 35 18.40 -38.80 24.54
N CYS B 36 18.77 -37.57 24.16
CA CYS B 36 18.42 -36.41 24.97
C CYS B 36 16.93 -36.10 24.94
N ALA B 37 16.20 -36.65 23.97
CA ALA B 37 14.76 -36.41 23.84
C ALA B 37 14.01 -37.41 24.74
N ASP B 38 14.12 -37.17 26.05
CA ASP B 38 13.43 -38.02 27.01
C ASP B 38 11.92 -37.90 26.87
N ALA B 39 11.41 -36.70 26.65
CA ALA B 39 9.99 -36.46 26.48
C ALA B 39 9.80 -35.14 25.74
N THR B 40 8.54 -34.79 25.49
CA THR B 40 8.18 -33.53 24.85
C THR B 40 7.43 -32.67 25.85
N LEU B 41 7.55 -31.35 25.68
CA LEU B 41 6.95 -30.42 26.64
C LEU B 41 5.47 -30.17 26.38
N SER B 42 4.88 -30.78 25.34
CA SER B 42 3.43 -30.72 25.19
C SER B 42 2.75 -31.42 26.36
N GLN B 43 3.31 -32.55 26.80
CA GLN B 43 2.77 -33.24 27.97
C GLN B 43 2.88 -32.38 29.22
N ILE B 44 3.99 -31.64 29.36
CA ILE B 44 4.16 -30.78 30.52
C ILE B 44 3.18 -29.61 30.48
N THR B 45 3.01 -29.00 29.30
CA THR B 45 2.13 -27.85 29.15
C THR B 45 0.65 -28.23 29.13
N ASN B 46 0.33 -29.52 29.01
CA ASN B 46 -1.06 -29.94 29.15
C ASN B 46 -1.62 -29.56 30.52
N ASN B 47 -0.76 -29.44 31.52
CA ASN B 47 -1.20 -29.01 32.84
C ASN B 47 -1.55 -27.53 32.83
N ILE B 48 -0.71 -26.70 32.20
CA ILE B 48 -0.89 -25.26 32.27
C ILE B 48 -2.19 -24.84 31.60
N ASP B 49 -2.67 -23.66 31.97
CA ASP B 49 -3.93 -23.14 31.46
C ASP B 49 -3.76 -22.66 30.02
N PRO B 50 -4.64 -23.07 29.10
CA PRO B 50 -4.56 -22.54 27.73
C PRO B 50 -4.71 -21.02 27.72
N VAL B 51 -4.00 -20.39 26.79
CA VAL B 51 -4.02 -18.93 26.70
C VAL B 51 -5.40 -18.43 26.28
N GLY B 52 -6.16 -19.24 25.55
CA GLY B 52 -7.47 -18.83 25.11
C GLY B 52 -7.42 -17.93 23.88
N ARG B 53 -8.61 -17.56 23.42
CA ARG B 53 -8.72 -16.71 22.25
C ARG B 53 -8.33 -15.28 22.59
N ILE B 54 -7.43 -14.70 21.79
CA ILE B 54 -6.99 -13.32 21.95
C ILE B 54 -7.30 -12.59 20.66
N GLN B 55 -8.04 -11.48 20.76
CA GLN B 55 -8.41 -10.68 19.61
C GLN B 55 -7.83 -9.28 19.78
N MET B 56 -7.17 -8.78 18.73
CA MET B 56 -6.55 -7.46 18.75
C MET B 56 -7.07 -6.65 17.58
N ARG B 57 -7.30 -5.36 17.83
CA ARG B 57 -7.81 -4.44 16.82
C ARG B 57 -6.68 -3.58 16.27
N THR B 58 -6.88 -3.08 15.06
CA THR B 58 -5.93 -2.18 14.42
C THR B 58 -6.07 -0.80 15.06
N ARG B 59 -5.15 -0.49 15.98
CA ARG B 59 -5.19 0.79 16.67
C ARG B 59 -4.63 1.93 15.82
N ARG B 60 -3.99 1.63 14.70
CA ARG B 60 -3.46 2.66 13.82
C ARG B 60 -3.25 2.08 12.43
N THR B 61 -3.72 2.79 11.42
CA THR B 61 -3.53 2.42 10.02
C THR B 61 -2.54 3.41 9.41
N LEU B 62 -1.39 2.91 9.00
CA LEU B 62 -0.27 3.76 8.56
C LEU B 62 -0.25 3.81 7.04
N ARG B 63 -1.09 4.69 6.48
CA ARG B 63 -1.13 4.92 5.06
C ARG B 63 -0.03 5.91 4.65
N GLY B 64 0.44 5.78 3.41
CA GLY B 64 1.44 6.69 2.90
C GLY B 64 2.47 6.05 2.00
N HIS B 65 2.60 4.73 2.08
CA HIS B 65 3.59 4.03 1.27
C HIS B 65 3.15 3.98 -0.19
N LEU B 66 4.09 4.21 -1.09
CA LEU B 66 3.81 4.26 -2.53
C LEU B 66 3.84 2.90 -3.19
N ALA B 67 4.34 1.86 -2.53
CA ALA B 67 4.50 0.56 -3.15
C ALA B 67 4.47 -0.51 -2.06
N LYS B 68 4.84 -1.74 -2.42
CA LYS B 68 4.77 -2.86 -1.51
C LYS B 68 5.88 -2.78 -0.47
N ILE B 69 5.52 -3.03 0.79
CA ILE B 69 6.47 -3.02 1.90
C ILE B 69 7.12 -4.40 2.00
N TYR B 70 8.42 -4.42 2.26
CA TYR B 70 9.17 -5.67 2.31
C TYR B 70 9.72 -6.01 3.69
N ALA B 71 10.11 -5.03 4.49
CA ALA B 71 10.67 -5.32 5.80
C ALA B 71 10.49 -4.10 6.70
N MET B 72 10.64 -4.34 8.01
CA MET B 72 10.50 -3.28 8.99
C MET B 72 11.24 -3.70 10.26
N HIS B 73 11.57 -2.70 11.08
CA HIS B 73 12.25 -2.95 12.35
C HIS B 73 11.83 -1.89 13.35
N TRP B 74 11.46 -2.33 14.54
CA TRP B 74 11.09 -1.43 15.62
C TRP B 74 12.34 -0.79 16.23
N GLY B 75 12.12 0.30 16.96
CA GLY B 75 13.18 0.97 17.67
C GLY B 75 13.27 0.52 19.12
N THR B 76 14.23 1.13 19.84
CA THR B 76 14.33 0.89 21.27
C THR B 76 13.06 1.34 21.98
N ASP B 77 12.56 2.52 21.63
CA ASP B 77 11.28 2.99 22.12
C ASP B 77 10.16 2.47 21.23
N SER B 78 8.95 2.43 21.80
CA SER B 78 7.78 1.93 21.08
C SER B 78 7.07 3.01 20.29
N ARG B 79 7.77 4.08 19.93
CA ARG B 79 7.16 5.19 19.21
C ARG B 79 7.71 5.41 17.81
N LEU B 80 8.93 4.95 17.51
CA LEU B 80 9.55 5.18 16.21
C LEU B 80 9.46 3.91 15.35
N LEU B 81 9.11 4.11 14.08
CA LEU B 81 8.88 3.01 13.15
C LEU B 81 9.73 3.21 11.91
N VAL B 82 10.33 2.12 11.43
CA VAL B 82 11.11 2.13 10.19
C VAL B 82 10.48 1.12 9.24
N SER B 83 10.20 1.58 8.02
CA SER B 83 9.58 0.73 7.00
C SER B 83 10.30 0.92 5.69
N ALA B 84 10.47 -0.17 4.95
CA ALA B 84 11.14 -0.16 3.66
C ALA B 84 10.22 -0.75 2.59
N SER B 85 10.18 -0.10 1.44
CA SER B 85 9.33 -0.53 0.33
C SER B 85 10.15 -0.58 -0.95
N GLN B 86 9.61 -1.27 -1.96
CA GLN B 86 10.31 -1.44 -3.22
C GLN B 86 10.44 -0.16 -4.01
N ASP B 87 9.72 0.91 -3.64
CA ASP B 87 9.85 2.17 -4.35
C ASP B 87 11.19 2.86 -4.08
N GLY B 88 11.90 2.42 -3.04
CA GLY B 88 13.18 3.01 -2.71
C GLY B 88 13.07 4.22 -1.80
N LYS B 89 12.29 4.09 -0.73
CA LYS B 89 12.06 5.20 0.20
C LYS B 89 12.10 4.66 1.62
N LEU B 90 13.18 4.92 2.34
CA LEU B 90 13.25 4.63 3.77
C LEU B 90 12.59 5.77 4.53
N ILE B 91 11.41 5.51 5.07
CA ILE B 91 10.61 6.55 5.70
C ILE B 91 10.32 6.15 7.13
N ILE B 92 10.59 7.05 8.07
CA ILE B 92 10.46 6.79 9.50
C ILE B 92 9.16 7.42 9.98
N TRP B 93 8.35 6.64 10.70
CA TRP B 93 7.02 7.11 11.08
C TRP B 93 6.95 7.21 12.61
N ASP B 94 5.98 7.97 13.09
CA ASP B 94 5.70 8.10 14.50
C ASP B 94 4.50 7.20 14.83
N SER B 95 4.69 6.27 15.77
CA SER B 95 3.64 5.30 16.07
C SER B 95 2.44 5.96 16.72
N TYR B 96 2.66 6.88 17.65
CA TYR B 96 1.55 7.41 18.45
C TYR B 96 0.70 8.39 17.66
N THR B 97 1.32 9.25 16.86
CA THR B 97 0.60 10.32 16.17
C THR B 97 0.65 10.23 14.65
N THR B 98 1.23 9.17 14.10
CA THR B 98 1.05 8.77 12.70
C THR B 98 1.80 9.70 11.74
N ASN B 99 2.34 10.80 12.25
CA ASN B 99 3.03 11.76 11.38
C ASN B 99 4.37 11.19 10.93
N LYS B 100 4.73 11.48 9.69
CA LYS B 100 6.01 11.02 9.15
C LYS B 100 7.15 11.80 9.81
N VAL B 101 8.18 11.07 10.22
CA VAL B 101 9.34 11.69 10.87
C VAL B 101 10.45 11.98 9.88
N HIS B 102 10.72 11.04 8.98
CA HIS B 102 11.78 11.21 8.00
C HIS B 102 11.41 10.48 6.72
N ALA B 103 12.05 10.87 5.62
CA ALA B 103 11.86 10.24 4.33
C ALA B 103 13.21 10.24 3.61
N ILE B 104 13.88 9.09 3.61
CA ILE B 104 15.22 8.97 3.04
C ILE B 104 15.07 8.34 1.65
N PRO B 105 15.34 9.06 0.57
CA PRO B 105 15.29 8.45 -0.76
C PRO B 105 16.47 7.53 -1.01
N LEU B 106 16.20 6.23 -1.10
CA LEU B 106 17.27 5.26 -1.31
C LEU B 106 17.89 5.42 -2.68
N ARG B 107 19.20 5.22 -2.76
CA ARG B 107 19.90 5.28 -4.04
C ARG B 107 19.39 4.20 -4.99
N SER B 108 19.20 2.99 -4.47
CA SER B 108 18.66 1.88 -5.25
C SER B 108 17.22 1.63 -4.83
N SER B 109 16.32 1.58 -5.82
CA SER B 109 14.91 1.35 -5.52
C SER B 109 14.68 -0.01 -4.87
N TRP B 110 15.39 -1.03 -5.34
CA TRP B 110 15.20 -2.38 -4.83
C TRP B 110 15.82 -2.51 -3.45
N VAL B 111 14.97 -2.65 -2.43
CA VAL B 111 15.41 -2.87 -1.06
C VAL B 111 14.60 -4.02 -0.49
N MET B 112 15.17 -4.70 0.50
CA MET B 112 14.51 -5.85 1.11
C MET B 112 14.58 -5.87 2.63
N THR B 113 15.43 -5.06 3.26
CA THR B 113 15.54 -5.08 4.71
C THR B 113 15.86 -3.68 5.21
N CYS B 114 15.53 -3.45 6.47
CA CYS B 114 15.83 -2.19 7.14
C CYS B 114 15.93 -2.44 8.63
N ALA B 115 16.94 -1.86 9.26
CA ALA B 115 17.18 -2.05 10.68
C ALA B 115 17.38 -0.70 11.35
N TYR B 116 16.88 -0.57 12.57
CA TYR B 116 17.01 0.63 13.38
C TYR B 116 17.99 0.36 14.52
N ALA B 117 18.98 1.24 14.66
CA ALA B 117 19.98 1.04 15.70
C ALA B 117 19.35 1.19 17.08
N PRO B 118 19.80 0.41 18.07
CA PRO B 118 19.25 0.57 19.43
C PRO B 118 19.46 1.95 20.01
N SER B 119 20.57 2.61 19.68
CA SER B 119 20.79 3.97 20.15
C SER B 119 19.86 4.96 19.46
N GLY B 120 19.39 4.64 18.26
CA GLY B 120 18.48 5.49 17.53
C GLY B 120 19.13 6.50 16.62
N ASN B 121 20.47 6.59 16.62
CA ASN B 121 21.17 7.58 15.80
C ASN B 121 21.47 7.10 14.39
N TYR B 122 21.23 5.82 14.08
CA TYR B 122 21.57 5.29 12.78
C TYR B 122 20.46 4.37 12.28
N VAL B 123 20.33 4.30 10.96
CA VAL B 123 19.40 3.39 10.30
C VAL B 123 20.12 2.79 9.09
N ALA B 124 19.76 1.55 8.76
CA ALA B 124 20.40 0.83 7.66
C ALA B 124 19.35 0.17 6.79
N CYS B 125 19.72 -0.08 5.54
CA CYS B 125 18.85 -0.75 4.59
C CYS B 125 19.70 -1.52 3.59
N GLY B 126 19.08 -2.51 2.94
CA GLY B 126 19.78 -3.30 1.96
C GLY B 126 18.82 -4.15 1.17
N GLY B 127 19.29 -4.62 0.01
CA GLY B 127 18.47 -5.42 -0.87
C GLY B 127 19.24 -6.02 -2.02
N LEU B 128 18.65 -6.01 -3.22
CA LEU B 128 19.28 -6.57 -4.40
C LEU B 128 20.48 -5.76 -4.89
N ASP B 129 20.69 -4.56 -4.34
CA ASP B 129 21.79 -3.72 -4.78
C ASP B 129 23.15 -4.20 -4.26
N ASN B 130 23.17 -5.20 -3.38
CA ASN B 130 24.42 -5.71 -2.78
C ASN B 130 25.13 -4.63 -1.99
N ILE B 131 24.39 -3.66 -1.48
CA ILE B 131 24.94 -2.52 -0.75
C ILE B 131 24.23 -2.42 0.60
N CYS B 132 25.02 -2.32 1.66
CA CYS B 132 24.49 -2.13 3.01
C CYS B 132 24.62 -0.65 3.35
N SER B 133 23.65 0.14 2.92
CA SER B 133 23.67 1.58 3.13
C SER B 133 23.19 1.90 4.54
N ILE B 134 24.00 2.64 5.30
CA ILE B 134 23.66 3.07 6.64
C ILE B 134 23.53 4.59 6.63
N TYR B 135 22.51 5.10 7.32
CA TYR B 135 22.20 6.52 7.32
C TYR B 135 22.26 7.07 8.74
N ASN B 136 22.64 8.33 8.86
CA ASN B 136 22.71 9.02 10.15
C ASN B 136 21.48 9.91 10.29
N LEU B 137 20.72 9.68 11.35
CA LEU B 137 19.47 10.40 11.58
C LEU B 137 19.63 11.64 12.46
N LYS B 138 20.80 11.84 13.06
CA LYS B 138 21.05 12.95 13.97
C LYS B 138 22.08 13.92 13.41
N THR B 139 22.05 14.13 12.09
CA THR B 139 22.98 15.05 11.47
C THR B 139 22.67 16.48 11.87
N ARG B 140 23.73 17.29 12.03
CA ARG B 140 23.54 18.70 12.33
C ARG B 140 22.90 19.44 11.17
N GLU B 141 23.06 18.93 9.94
CA GLU B 141 22.45 19.53 8.77
C GLU B 141 20.95 19.24 8.68
N GLY B 142 20.44 18.33 9.48
CA GLY B 142 19.02 18.01 9.49
C GLY B 142 18.59 16.90 8.55
N ASN B 143 18.94 17.02 7.27
CA ASN B 143 18.58 15.99 6.30
C ASN B 143 19.35 14.71 6.57
N VAL B 144 18.75 13.59 6.17
CA VAL B 144 19.34 12.27 6.35
C VAL B 144 20.29 12.00 5.20
N ARG B 145 21.53 11.65 5.52
CA ARG B 145 22.55 11.33 4.52
C ARG B 145 23.17 9.99 4.86
N VAL B 146 23.62 9.28 3.82
CA VAL B 146 24.21 7.97 4.01
C VAL B 146 25.62 8.13 4.57
N SER B 147 25.88 7.50 5.72
CA SER B 147 27.21 7.58 6.32
C SER B 147 28.23 6.84 5.48
N ARG B 148 27.92 5.60 5.10
CA ARG B 148 28.80 4.81 4.25
C ARG B 148 28.01 3.66 3.66
N GLU B 149 28.56 3.07 2.60
CA GLU B 149 27.96 1.92 1.93
C GLU B 149 28.96 0.77 1.93
N LEU B 150 28.48 -0.43 2.23
CA LEU B 150 29.31 -1.62 2.33
C LEU B 150 29.05 -2.48 1.09
N ALA B 151 30.13 -2.78 0.35
CA ALA B 151 30.03 -3.53 -0.90
C ALA B 151 30.81 -4.84 -0.85
N GLY B 152 31.13 -5.33 0.36
CA GLY B 152 31.87 -6.58 0.45
C GLY B 152 31.07 -7.78 -0.04
N HIS B 153 29.78 -7.79 0.23
CA HIS B 153 28.92 -8.89 -0.18
C HIS B 153 28.66 -8.82 -1.68
N THR B 154 28.88 -9.93 -2.38
CA THR B 154 28.62 -10.02 -3.81
C THR B 154 27.23 -10.55 -4.11
N GLY B 155 26.44 -10.89 -3.09
CA GLY B 155 25.09 -11.38 -3.26
C GLY B 155 24.07 -10.36 -2.78
N TYR B 156 22.80 -10.68 -3.04
CA TYR B 156 21.71 -9.81 -2.66
C TYR B 156 21.59 -9.75 -1.14
N LEU B 157 21.43 -8.53 -0.61
CA LEU B 157 21.23 -8.36 0.82
C LEU B 157 19.83 -8.81 1.22
N SER B 158 19.74 -9.43 2.39
CA SER B 158 18.47 -10.00 2.83
C SER B 158 18.03 -9.50 4.20
N CYS B 159 18.96 -9.34 5.14
CA CYS B 159 18.60 -8.83 6.46
C CYS B 159 19.82 -8.18 7.09
N CYS B 160 19.57 -7.28 8.02
CA CYS B 160 20.61 -6.60 8.78
C CYS B 160 20.11 -6.33 10.18
N ARG B 161 21.00 -6.46 11.17
CA ARG B 161 20.67 -6.18 12.55
C ARG B 161 21.85 -5.45 13.19
N PHE B 162 21.54 -4.58 14.15
CA PHE B 162 22.52 -3.70 14.76
C PHE B 162 22.96 -4.25 16.11
N LEU B 163 24.28 -4.35 16.30
CA LEU B 163 24.86 -4.61 17.60
C LEU B 163 25.00 -3.34 18.41
N ASP B 164 25.54 -2.30 17.78
CA ASP B 164 25.71 -0.98 18.40
C ASP B 164 25.81 0.05 17.28
N ASP B 165 26.25 1.26 17.64
CA ASP B 165 26.41 2.31 16.64
C ASP B 165 27.58 2.04 15.69
N ASN B 166 28.43 1.05 15.99
CA ASN B 166 29.60 0.77 15.18
C ASN B 166 29.62 -0.60 14.53
N GLN B 167 28.82 -1.55 15.02
CA GLN B 167 28.81 -2.91 14.50
C GLN B 167 27.43 -3.28 14.00
N ILE B 168 27.38 -3.91 12.83
CA ILE B 168 26.13 -4.37 12.22
C ILE B 168 26.35 -5.75 11.64
N VAL B 169 25.39 -6.65 11.85
CA VAL B 169 25.45 -8.01 11.34
C VAL B 169 24.49 -8.12 10.15
N THR B 170 25.01 -8.55 9.01
CA THR B 170 24.24 -8.60 7.78
C THR B 170 24.26 -10.01 7.21
N SER B 171 23.12 -10.44 6.67
CA SER B 171 23.00 -11.72 5.99
C SER B 171 22.59 -11.45 4.53
N SER B 172 23.28 -12.09 3.60
CA SER B 172 23.09 -11.83 2.18
C SER B 172 22.94 -13.16 1.44
N GLY B 173 22.82 -13.07 0.11
CA GLY B 173 22.67 -14.21 -0.74
C GLY B 173 23.95 -14.94 -1.09
N ASP B 174 25.09 -14.50 -0.54
CA ASP B 174 26.37 -15.15 -0.75
C ASP B 174 26.57 -16.37 0.13
N THR B 175 25.48 -16.92 0.68
CA THR B 175 25.52 -18.05 1.60
C THR B 175 26.41 -17.76 2.81
N THR B 176 26.55 -16.49 3.17
CA THR B 176 27.44 -16.08 4.24
C THR B 176 26.80 -14.97 5.07
N CYS B 177 27.19 -14.91 6.33
CA CYS B 177 26.80 -13.85 7.24
C CYS B 177 28.04 -13.01 7.56
N ALA B 178 27.87 -11.69 7.55
CA ALA B 178 28.99 -10.77 7.72
C ALA B 178 28.74 -9.83 8.90
N LEU B 179 29.78 -9.59 9.69
CA LEU B 179 29.76 -8.61 10.76
C LEU B 179 30.65 -7.45 10.33
N TRP B 180 30.08 -6.25 10.30
CA TRP B 180 30.77 -5.07 9.77
C TRP B 180 31.14 -4.12 10.90
N ASP B 181 32.12 -3.26 10.62
CA ASP B 181 32.53 -2.20 11.52
C ASP B 181 32.30 -0.87 10.82
N ILE B 182 31.47 -0.01 11.41
CA ILE B 182 31.11 1.25 10.77
C ILE B 182 32.31 2.17 10.68
N GLU B 183 33.17 2.16 11.72
CA GLU B 183 34.32 3.06 11.75
C GLU B 183 35.26 2.81 10.57
N THR B 184 35.52 1.55 10.25
CA THR B 184 36.44 1.20 9.17
C THR B 184 35.73 0.87 7.87
N GLY B 185 34.49 0.37 7.93
CA GLY B 185 33.76 0.00 6.73
C GLY B 185 34.11 -1.36 6.16
N GLN B 186 34.96 -2.13 6.82
CA GLN B 186 35.39 -3.43 6.34
C GLN B 186 34.78 -4.54 7.19
N GLN B 187 34.76 -5.74 6.64
CA GLN B 187 34.22 -6.90 7.35
C GLN B 187 35.12 -7.25 8.53
N THR B 188 34.48 -7.57 9.67
CA THR B 188 35.23 -7.99 10.85
C THR B 188 35.33 -9.51 10.92
N THR B 189 34.21 -10.21 10.83
CA THR B 189 34.18 -11.67 10.83
C THR B 189 33.21 -12.13 9.75
N THR B 190 33.51 -13.31 9.18
CA THR B 190 32.69 -13.89 8.13
C THR B 190 32.26 -15.29 8.53
N PHE B 191 30.97 -15.58 8.40
CA PHE B 191 30.42 -16.89 8.70
C PHE B 191 30.02 -17.56 7.40
N THR B 192 30.59 -18.72 7.12
CA THR B 192 30.39 -19.40 5.84
C THR B 192 30.02 -20.86 6.02
N GLY B 193 29.37 -21.19 7.12
CA GLY B 193 28.94 -22.55 7.37
C GLY B 193 27.65 -22.96 6.70
N HIS B 194 26.97 -22.04 6.02
CA HIS B 194 25.70 -22.32 5.38
C HIS B 194 25.89 -22.68 3.92
N THR B 195 25.02 -23.56 3.42
CA THR B 195 25.03 -23.94 2.02
C THR B 195 24.00 -23.20 1.18
N GLY B 196 22.87 -22.82 1.76
CA GLY B 196 21.90 -21.98 1.08
C GLY B 196 22.09 -20.51 1.45
N ASP B 197 21.44 -19.65 0.67
CA ASP B 197 21.54 -18.21 0.88
C ASP B 197 20.86 -17.82 2.18
N VAL B 198 21.64 -17.39 3.16
CA VAL B 198 21.09 -16.98 4.46
C VAL B 198 20.28 -15.70 4.27
N MET B 199 19.08 -15.66 4.86
CA MET B 199 18.17 -14.57 4.58
C MET B 199 17.74 -13.80 5.82
N SER B 200 17.37 -14.50 6.89
CA SER B 200 16.81 -13.88 8.08
C SER B 200 17.79 -13.99 9.23
N LEU B 201 17.95 -12.90 9.97
CA LEU B 201 19.01 -12.77 10.95
C LEU B 201 18.46 -12.11 12.20
N SER B 202 18.74 -12.71 13.35
CA SER B 202 18.23 -12.24 14.63
C SER B 202 19.34 -12.28 15.68
N LEU B 203 19.34 -11.31 16.57
CA LEU B 203 20.32 -11.23 17.66
C LEU B 203 19.69 -11.65 18.98
N ALA B 204 20.52 -12.21 19.85
CA ALA B 204 20.10 -12.48 21.20
C ALA B 204 19.96 -11.18 21.98
N PRO B 205 19.12 -11.16 23.03
CA PRO B 205 18.97 -9.92 23.80
C PRO B 205 20.27 -9.43 24.42
N ASP B 206 21.20 -10.32 24.74
CA ASP B 206 22.47 -9.93 25.33
C ASP B 206 23.53 -9.62 24.28
N THR B 207 23.16 -9.65 22.99
CA THR B 207 24.06 -9.35 21.87
C THR B 207 25.33 -10.19 21.90
N ARG B 208 25.23 -11.45 22.32
CA ARG B 208 26.38 -12.35 22.36
C ARG B 208 26.35 -13.39 21.24
N LEU B 209 25.16 -13.84 20.85
CA LEU B 209 25.00 -14.83 19.81
C LEU B 209 23.92 -14.37 18.84
N PHE B 210 24.07 -14.79 17.58
CA PHE B 210 23.05 -14.49 16.58
C PHE B 210 22.78 -15.75 15.77
N VAL B 211 21.51 -15.98 15.48
CA VAL B 211 21.05 -17.16 14.76
C VAL B 211 20.41 -16.73 13.46
N SER B 212 20.45 -17.61 12.46
CA SER B 212 19.98 -17.28 11.13
C SER B 212 19.60 -18.55 10.38
N GLY B 213 18.85 -18.37 9.30
CA GLY B 213 18.42 -19.48 8.48
C GLY B 213 18.63 -19.19 7.00
N ALA B 214 18.57 -20.24 6.20
CA ALA B 214 18.81 -20.16 4.77
C ALA B 214 17.81 -21.06 4.04
N CYS B 215 18.04 -21.26 2.75
CA CYS B 215 17.17 -22.10 1.94
C CYS B 215 17.50 -23.58 2.05
N ASP B 216 18.53 -23.95 2.81
CA ASP B 216 18.91 -25.34 3.02
C ASP B 216 18.07 -26.01 4.09
N ALA B 217 16.94 -25.41 4.48
CA ALA B 217 16.06 -25.95 5.52
C ALA B 217 16.79 -26.12 6.85
N SER B 218 17.80 -25.28 7.09
CA SER B 218 18.63 -25.40 8.29
C SER B 218 18.82 -24.02 8.92
N ALA B 219 18.86 -24.01 10.25
CA ALA B 219 19.12 -22.82 11.03
C ALA B 219 20.39 -23.04 11.85
N LYS B 220 21.31 -22.08 11.79
CA LYS B 220 22.61 -22.21 12.43
C LYS B 220 22.84 -21.04 13.39
N LEU B 221 23.37 -21.37 14.57
CA LEU B 221 23.70 -20.37 15.59
C LEU B 221 25.19 -20.05 15.54
N TRP B 222 25.52 -18.78 15.67
CA TRP B 222 26.90 -18.31 15.56
C TRP B 222 27.21 -17.36 16.71
N ASP B 223 28.51 -17.21 16.97
CA ASP B 223 29.01 -16.21 17.90
C ASP B 223 29.76 -15.15 17.10
N VAL B 224 29.51 -13.88 17.42
CA VAL B 224 29.95 -12.80 16.54
C VAL B 224 31.46 -12.63 16.55
N ARG B 225 32.13 -12.95 17.66
CA ARG B 225 33.58 -12.72 17.71
C ARG B 225 34.40 -13.93 17.30
N GLU B 226 34.02 -15.13 17.72
CA GLU B 226 34.82 -16.32 17.37
C GLU B 226 34.77 -16.61 15.88
N GLY B 227 33.75 -16.14 15.16
CA GLY B 227 33.67 -16.35 13.73
C GLY B 227 33.55 -17.80 13.33
N MET B 228 32.75 -18.58 14.06
CA MET B 228 32.59 -19.99 13.77
C MET B 228 31.18 -20.41 14.15
N CYS B 229 30.72 -21.50 13.54
CA CYS B 229 29.41 -22.04 13.85
C CYS B 229 29.45 -22.81 15.16
N ARG B 230 28.38 -22.71 15.94
CA ARG B 230 28.27 -23.41 17.21
C ARG B 230 27.21 -24.48 17.23
N GLN B 231 26.02 -24.20 16.67
CA GLN B 231 24.92 -25.15 16.64
C GLN B 231 24.24 -25.10 15.29
N THR B 232 23.60 -26.21 14.92
CA THR B 232 22.85 -26.31 13.69
C THR B 232 21.55 -27.05 13.94
N PHE B 233 20.49 -26.63 13.25
CA PHE B 233 19.17 -27.23 13.38
C PHE B 233 18.59 -27.43 11.99
N THR B 234 18.21 -28.68 11.69
CA THR B 234 17.67 -29.04 10.37
C THR B 234 16.40 -29.86 10.53
N GLY B 235 15.50 -29.39 11.39
CA GLY B 235 14.24 -30.08 11.60
C GLY B 235 13.16 -29.76 10.59
N HIS B 236 13.40 -28.80 9.69
CA HIS B 236 12.40 -28.42 8.71
C HIS B 236 12.41 -29.38 7.53
N GLU B 237 11.31 -29.36 6.77
CA GLU B 237 11.17 -30.21 5.59
C GLU B 237 11.22 -29.42 4.28
N SER B 238 11.33 -28.09 4.34
CA SER B 238 11.37 -27.28 3.13
C SER B 238 12.08 -25.97 3.45
N ASP B 239 12.03 -25.04 2.51
CA ASP B 239 12.72 -23.77 2.65
C ASP B 239 12.13 -22.96 3.81
N ILE B 240 13.00 -22.29 4.57
CA ILE B 240 12.60 -21.46 5.69
C ILE B 240 12.86 -20.00 5.33
N ASN B 241 12.03 -19.10 5.87
CA ASN B 241 12.04 -17.70 5.47
C ASN B 241 12.49 -16.76 6.57
N ALA B 242 11.86 -16.80 7.74
CA ALA B 242 12.16 -15.87 8.82
C ALA B 242 12.47 -16.64 10.09
N ILE B 243 13.29 -16.03 10.95
CA ILE B 243 13.72 -16.66 12.18
C ILE B 243 14.05 -15.55 13.19
N CYS B 244 13.67 -15.77 14.45
CA CYS B 244 13.80 -14.74 15.48
C CYS B 244 14.14 -15.39 16.81
N PHE B 245 14.77 -14.61 17.68
CA PHE B 245 15.22 -15.11 18.98
C PHE B 245 14.11 -15.04 20.02
N PHE B 246 14.14 -15.99 20.95
CA PHE B 246 13.21 -15.96 22.08
C PHE B 246 13.58 -14.84 23.05
N PRO B 247 12.60 -14.30 23.78
CA PRO B 247 12.88 -13.21 24.72
C PRO B 247 14.00 -13.50 25.72
N ASN B 248 14.10 -14.73 26.24
CA ASN B 248 15.08 -14.99 27.29
C ASN B 248 16.49 -15.04 26.71
N GLY B 249 16.68 -15.73 25.60
CA GLY B 249 17.95 -15.73 24.90
C GLY B 249 18.49 -17.09 24.52
N ASN B 250 17.98 -18.18 25.08
CA ASN B 250 18.50 -19.52 24.77
C ASN B 250 17.61 -20.30 23.82
N ALA B 251 16.60 -19.66 23.24
CA ALA B 251 15.67 -20.35 22.35
C ALA B 251 15.38 -19.46 21.14
N PHE B 252 14.81 -20.08 20.11
CA PHE B 252 14.41 -19.36 18.91
C PHE B 252 13.42 -20.21 18.13
N ALA B 253 12.60 -19.54 17.33
CA ALA B 253 11.66 -20.21 16.43
C ALA B 253 11.74 -19.59 15.05
N THR B 254 11.56 -20.42 14.03
CA THR B 254 11.69 -20.00 12.65
C THR B 254 10.49 -20.48 11.84
N GLY B 255 10.04 -19.61 10.94
CA GLY B 255 9.01 -19.97 9.98
C GLY B 255 9.63 -20.60 8.74
N SER B 256 8.77 -21.16 7.90
CA SER B 256 9.22 -21.85 6.70
C SER B 256 8.15 -21.79 5.63
N ASP B 257 8.56 -22.10 4.39
CA ASP B 257 7.65 -22.11 3.27
C ASP B 257 6.69 -23.30 3.29
N ASP B 258 6.94 -24.30 4.13
CA ASP B 258 6.09 -25.48 4.21
C ASP B 258 4.91 -25.30 5.18
N ALA B 259 4.54 -24.05 5.48
CA ALA B 259 3.40 -23.74 6.34
C ALA B 259 3.58 -24.30 7.75
N THR B 260 4.81 -24.41 8.21
CA THR B 260 5.10 -24.92 9.55
C THR B 260 6.08 -23.99 10.25
N CYS B 261 5.93 -23.89 11.57
CA CYS B 261 6.86 -23.17 12.43
C CYS B 261 7.41 -24.13 13.48
N ARG B 262 8.71 -24.03 13.74
CA ARG B 262 9.38 -24.89 14.71
C ARG B 262 10.21 -24.03 15.65
N LEU B 263 10.17 -24.34 16.94
CA LEU B 263 10.94 -23.63 17.95
C LEU B 263 12.08 -24.53 18.41
N PHE B 264 13.27 -23.95 18.58
CA PHE B 264 14.45 -24.68 18.99
C PHE B 264 15.06 -24.03 20.22
N ASP B 265 15.75 -24.85 21.01
CA ASP B 265 16.43 -24.40 22.22
C ASP B 265 17.93 -24.65 22.05
N LEU B 266 18.73 -23.62 22.35
CA LEU B 266 20.17 -23.73 22.18
C LEU B 266 20.76 -24.82 23.07
N ARG B 267 20.33 -24.87 24.33
CA ARG B 267 20.83 -25.90 25.23
C ARG B 267 20.35 -27.29 24.81
N ALA B 268 19.08 -27.39 24.38
CA ALA B 268 18.55 -28.69 23.98
C ALA B 268 19.08 -29.12 22.62
N ASP B 269 19.40 -28.17 21.74
CA ASP B 269 19.86 -28.48 20.38
C ASP B 269 18.88 -29.37 19.64
N GLN B 270 17.59 -29.09 19.79
CA GLN B 270 16.55 -29.92 19.22
C GLN B 270 15.30 -29.09 18.96
N GLU B 271 14.42 -29.62 18.11
CA GLU B 271 13.09 -29.05 17.95
C GLU B 271 12.19 -29.47 19.10
N LEU B 272 11.33 -28.55 19.54
CA LEU B 272 10.42 -28.84 20.65
C LEU B 272 8.96 -28.93 20.21
N MET B 273 8.41 -27.88 19.59
CA MET B 273 7.10 -27.98 18.97
C MET B 273 7.22 -27.78 17.47
N THR B 274 6.15 -28.13 16.77
CA THR B 274 5.96 -27.77 15.37
C THR B 274 4.59 -27.12 15.24
N TYR B 275 4.57 -25.87 14.78
CA TYR B 275 3.33 -25.10 14.65
C TYR B 275 2.83 -25.26 13.22
N SER B 276 1.83 -26.13 13.04
CA SER B 276 1.27 -26.40 11.73
C SER B 276 -0.22 -26.66 11.86
N HIS B 277 -0.97 -26.20 10.86
CA HIS B 277 -2.41 -26.40 10.81
C HIS B 277 -2.81 -26.89 9.44
N ASP B 278 -3.83 -27.75 9.38
CA ASP B 278 -4.28 -28.29 8.10
C ASP B 278 -4.89 -27.21 7.22
N ASN B 279 -5.54 -26.21 7.83
CA ASN B 279 -6.13 -25.12 7.06
C ASN B 279 -5.07 -24.33 6.32
N ILE B 280 -3.93 -24.06 6.95
CA ILE B 280 -2.88 -23.25 6.32
C ILE B 280 -2.27 -24.01 5.16
N ILE B 281 -2.15 -23.34 4.02
CA ILE B 281 -1.53 -23.92 2.83
C ILE B 281 -0.33 -23.13 2.34
N CYS B 282 -0.09 -21.94 2.88
CA CYS B 282 1.01 -21.07 2.45
C CYS B 282 2.06 -20.98 3.55
N GLY B 283 3.28 -20.63 3.14
CA GLY B 283 4.40 -20.58 4.04
C GLY B 283 4.43 -19.33 4.91
N ILE B 284 5.39 -19.32 5.82
CA ILE B 284 5.56 -18.22 6.77
C ILE B 284 6.54 -17.21 6.16
N THR B 285 6.22 -15.93 6.32
CA THR B 285 7.08 -14.86 5.84
C THR B 285 7.72 -14.03 6.94
N SER B 286 7.19 -14.05 8.16
CA SER B 286 7.75 -13.31 9.27
C SER B 286 7.42 -14.03 10.56
N VAL B 287 8.22 -13.77 11.59
CA VAL B 287 8.02 -14.41 12.90
C VAL B 287 8.63 -13.52 13.97
N SER B 288 7.90 -13.34 15.07
CA SER B 288 8.38 -12.55 16.20
C SER B 288 7.62 -13.00 17.45
N PHE B 289 8.33 -13.06 18.57
CA PHE B 289 7.70 -13.41 19.83
C PHE B 289 7.08 -12.17 20.49
N SER B 290 6.47 -12.39 21.65
CA SER B 290 5.97 -11.30 22.49
C SER B 290 7.09 -10.87 23.45
N LYS B 291 6.75 -10.02 24.41
CA LYS B 291 7.75 -9.61 25.39
C LYS B 291 8.13 -10.77 26.31
N SER B 292 7.15 -11.56 26.74
CA SER B 292 7.39 -12.68 27.63
C SER B 292 7.55 -14.02 26.93
N GLY B 293 7.33 -14.07 25.61
CA GLY B 293 7.36 -15.32 24.90
C GLY B 293 6.11 -16.15 25.01
N ARG B 294 5.09 -15.66 25.72
CA ARG B 294 3.83 -16.40 25.83
C ARG B 294 3.15 -16.55 24.48
N LEU B 295 3.16 -15.49 23.67
CA LEU B 295 2.45 -15.48 22.40
C LEU B 295 3.46 -15.43 21.26
N LEU B 296 3.36 -16.37 20.33
CA LEU B 296 4.24 -16.45 19.17
C LEU B 296 3.49 -15.92 17.95
N LEU B 297 4.03 -14.85 17.36
CA LEU B 297 3.39 -14.17 16.25
C LEU B 297 4.16 -14.46 14.96
N ALA B 298 3.45 -14.92 13.94
CA ALA B 298 4.06 -15.30 12.67
C ALA B 298 3.27 -14.69 11.52
N GLY B 299 3.98 -14.06 10.59
CA GLY B 299 3.36 -13.54 9.38
C GLY B 299 3.36 -14.58 8.29
N TYR B 300 2.23 -14.76 7.63
CA TYR B 300 2.04 -15.81 6.65
C TYR B 300 1.91 -15.23 5.25
N ASP B 301 2.10 -16.10 4.26
CA ASP B 301 2.08 -15.68 2.86
C ASP B 301 0.69 -15.34 2.35
N ASP B 302 -0.35 -15.64 3.12
CA ASP B 302 -1.72 -15.31 2.72
C ASP B 302 -1.99 -13.83 3.01
N PHE B 303 -3.25 -13.43 2.89
CA PHE B 303 -3.62 -12.03 3.08
C PHE B 303 -3.81 -11.66 4.55
N ASN B 304 -3.65 -12.60 5.48
CA ASN B 304 -3.84 -12.36 6.89
C ASN B 304 -2.57 -12.74 7.66
N CYS B 305 -2.65 -12.65 8.97
CA CYS B 305 -1.56 -13.03 9.87
C CYS B 305 -2.12 -13.94 10.96
N ASN B 306 -1.28 -14.88 11.41
CA ASN B 306 -1.67 -15.85 12.40
C ASN B 306 -0.84 -15.68 13.66
N VAL B 307 -1.48 -15.93 14.81
CA VAL B 307 -0.83 -15.82 16.11
C VAL B 307 -0.89 -17.18 16.80
N TRP B 308 0.25 -17.64 17.28
CA TRP B 308 0.38 -18.97 17.88
C TRP B 308 0.79 -18.85 19.33
N ASP B 309 0.51 -19.90 20.09
CA ASP B 309 0.99 -20.01 21.46
C ASP B 309 2.31 -20.79 21.44
N ALA B 310 3.34 -20.20 22.04
CA ALA B 310 4.68 -20.77 21.92
C ALA B 310 4.78 -22.14 22.58
N LEU B 311 4.16 -22.31 23.75
CA LEU B 311 4.28 -23.55 24.49
C LEU B 311 3.26 -24.60 24.06
N LYS B 312 1.97 -24.25 24.06
CA LYS B 312 0.93 -25.21 23.74
C LYS B 312 0.77 -25.45 22.24
N ALA B 313 1.40 -24.63 21.40
CA ALA B 313 1.30 -24.76 19.94
C ALA B 313 -0.17 -24.73 19.48
N ASP B 314 -0.96 -23.86 20.11
CA ASP B 314 -2.38 -23.74 19.81
C ASP B 314 -2.64 -22.47 19.01
N ARG B 315 -3.77 -22.47 18.32
CA ARG B 315 -4.18 -21.33 17.50
C ARG B 315 -4.91 -20.32 18.40
N ALA B 316 -4.40 -19.09 18.43
CA ALA B 316 -4.94 -18.07 19.33
C ALA B 316 -5.88 -17.11 18.61
N GLY B 317 -5.41 -16.46 17.54
CA GLY B 317 -6.25 -15.47 16.87
C GLY B 317 -5.81 -15.27 15.44
N VAL B 318 -6.62 -14.51 14.72
CA VAL B 318 -6.39 -14.20 13.30
C VAL B 318 -6.34 -12.69 13.16
N LEU B 319 -5.31 -12.20 12.47
CA LEU B 319 -5.14 -10.76 12.22
C LEU B 319 -5.40 -10.50 10.75
N ALA B 320 -6.61 -10.06 10.43
CA ALA B 320 -6.99 -9.71 9.07
C ALA B 320 -6.71 -8.24 8.82
N GLY B 321 -7.25 -7.70 7.73
CA GLY B 321 -7.11 -6.29 7.41
C GLY B 321 -6.08 -5.98 6.34
N HIS B 322 -5.45 -6.99 5.76
CA HIS B 322 -4.50 -6.80 4.66
C HIS B 322 -5.09 -7.40 3.39
N ASP B 323 -5.13 -6.59 2.34
CA ASP B 323 -5.66 -7.04 1.05
C ASP B 323 -4.60 -7.72 0.19
N ASN B 324 -3.37 -7.82 0.67
CA ASN B 324 -2.30 -8.45 -0.09
C ASN B 324 -1.40 -9.15 0.92
N ARG B 325 -0.49 -9.98 0.41
CA ARG B 325 0.30 -10.86 1.27
C ARG B 325 1.14 -10.06 2.27
N VAL B 326 1.23 -10.57 3.49
CA VAL B 326 2.08 -9.97 4.50
C VAL B 326 3.55 -10.23 4.15
N SER B 327 4.41 -9.26 4.46
CA SER B 327 5.83 -9.39 4.18
C SER B 327 6.73 -9.10 5.37
N CYS B 328 6.20 -8.55 6.47
CA CYS B 328 7.03 -8.16 7.59
C CYS B 328 6.19 -8.13 8.86
N LEU B 329 6.87 -8.20 10.00
CA LEU B 329 6.21 -8.14 11.30
C LEU B 329 7.22 -7.69 12.34
N GLY B 330 6.74 -6.96 13.33
CA GLY B 330 7.60 -6.45 14.39
C GLY B 330 6.84 -6.29 15.69
N VAL B 331 7.57 -6.37 16.79
CA VAL B 331 7.00 -6.25 18.13
C VAL B 331 7.83 -5.23 18.91
N THR B 332 7.16 -4.36 19.66
CA THR B 332 7.84 -3.34 20.44
C THR B 332 8.70 -3.97 21.54
N ASP B 333 9.72 -3.23 21.97
CA ASP B 333 10.57 -3.71 23.05
C ASP B 333 9.80 -3.85 24.35
N ASP B 334 8.91 -2.91 24.65
CA ASP B 334 8.09 -2.98 25.85
C ASP B 334 6.85 -3.84 25.68
N GLY B 335 6.60 -4.36 24.48
CA GLY B 335 5.46 -5.22 24.26
C GLY B 335 4.13 -4.51 24.15
N MET B 336 4.13 -3.19 24.02
CA MET B 336 2.87 -2.45 24.00
C MET B 336 2.13 -2.59 22.68
N ALA B 337 2.86 -2.73 21.57
CA ALA B 337 2.23 -2.75 20.25
C ALA B 337 2.92 -3.77 19.36
N VAL B 338 2.21 -4.16 18.30
CA VAL B 338 2.72 -5.05 17.27
C VAL B 338 2.48 -4.41 15.91
N ALA B 339 3.53 -4.36 15.08
CA ALA B 339 3.46 -3.78 13.75
C ALA B 339 3.61 -4.87 12.71
N THR B 340 2.62 -4.98 11.82
CA THR B 340 2.66 -5.93 10.71
C THR B 340 2.53 -5.14 9.41
N GLY B 341 3.46 -5.38 8.49
CA GLY B 341 3.47 -4.72 7.19
C GLY B 341 3.26 -5.74 6.08
N SER B 342 2.53 -5.33 5.06
CA SER B 342 2.21 -6.19 3.92
C SER B 342 2.52 -5.47 2.63
N TRP B 343 2.23 -6.13 1.51
CA TRP B 343 2.45 -5.54 0.20
C TRP B 343 1.39 -4.52 -0.16
N ASP B 344 0.35 -4.36 0.66
CA ASP B 344 -0.74 -3.42 0.39
C ASP B 344 -0.39 -1.98 0.70
N SER B 345 0.91 -1.67 0.91
CA SER B 345 1.38 -0.31 1.16
C SER B 345 0.80 0.26 2.47
N PHE B 346 0.47 -0.61 3.41
CA PHE B 346 -0.08 -0.21 4.71
C PHE B 346 0.68 -0.88 5.83
N LEU B 347 1.05 -0.10 6.85
CA LEU B 347 1.55 -0.64 8.11
C LEU B 347 0.39 -0.68 9.09
N LYS B 348 0.07 -1.87 9.60
CA LYS B 348 -1.00 -2.03 10.56
C LYS B 348 -0.40 -2.26 11.94
N ILE B 349 -0.81 -1.43 12.90
CA ILE B 349 -0.31 -1.51 14.27
C ILE B 349 -1.37 -2.21 15.12
N TRP B 350 -0.96 -3.25 15.83
CA TRP B 350 -1.85 -4.04 16.67
C TRP B 350 -1.37 -3.99 18.12
N ASN B 351 -2.23 -4.47 19.01
CA ASN B 351 -1.91 -4.49 20.44
C ASN B 351 -2.67 -5.60 21.15
N CYS C 111 -66.62 -0.37 -30.72
CA CYS C 111 -65.87 -0.67 -29.50
C CYS C 111 -66.56 -1.76 -28.68
N GLN C 112 -65.75 -2.73 -28.23
CA GLN C 112 -66.24 -3.78 -27.35
C GLN C 112 -65.33 -3.91 -26.15
N GLY C 113 -64.99 -2.78 -25.53
CA GLY C 113 -64.01 -2.73 -24.48
C GLY C 113 -62.65 -2.39 -25.03
N PRO C 114 -61.79 -1.79 -24.20
CA PRO C 114 -60.45 -1.41 -24.68
C PRO C 114 -59.64 -2.61 -25.13
N ILE C 115 -59.54 -3.62 -24.27
CA ILE C 115 -58.84 -4.88 -24.70
C ILE C 115 -59.53 -6.06 -24.03
N GLU C 116 -60.49 -5.76 -23.16
CA GLU C 116 -61.21 -6.83 -22.46
C GLU C 116 -60.25 -7.94 -22.03
N ILE C 117 -58.98 -7.53 -21.82
CA ILE C 117 -57.87 -8.45 -21.39
C ILE C 117 -58.05 -9.87 -21.95
N LYS C 118 -57.38 -10.18 -23.06
CA LYS C 118 -57.48 -11.54 -23.53
C LYS C 118 -56.74 -12.40 -22.52
N GLU C 119 -57.39 -13.49 -22.08
CA GLU C 119 -56.82 -14.35 -21.06
C GLU C 119 -55.49 -14.96 -21.50
N THR C 120 -55.34 -15.26 -22.79
CA THR C 120 -54.07 -15.81 -23.28
C THR C 120 -52.94 -14.82 -23.09
N PHE C 121 -53.21 -13.53 -23.32
CA PHE C 121 -52.18 -12.51 -23.14
C PHE C 121 -51.73 -12.44 -21.68
N LYS C 122 -52.66 -12.57 -20.74
CA LYS C 122 -52.27 -12.63 -19.34
C LYS C 122 -51.48 -13.89 -19.02
N TYR C 123 -51.85 -15.01 -19.65
CA TYR C 123 -51.15 -16.27 -19.38
C TYR C 123 -49.69 -16.21 -19.82
N ILE C 124 -49.43 -15.68 -21.02
CA ILE C 124 -48.06 -15.66 -21.53
C ILE C 124 -47.19 -14.70 -20.71
N ASN C 125 -47.76 -13.56 -20.31
CA ASN C 125 -47.02 -12.61 -19.49
C ASN C 125 -46.65 -13.23 -18.14
N THR C 126 -47.60 -13.91 -17.50
CA THR C 126 -47.36 -14.44 -16.17
C THR C 126 -46.23 -15.47 -16.16
N VAL C 127 -46.22 -16.37 -17.14
CA VAL C 127 -45.17 -17.38 -17.21
C VAL C 127 -43.84 -16.75 -17.62
N VAL C 128 -43.87 -15.76 -18.52
CA VAL C 128 -42.62 -15.18 -19.00
C VAL C 128 -42.06 -14.14 -18.04
N SER C 129 -42.93 -13.43 -17.31
CA SER C 129 -42.44 -12.46 -16.33
C SER C 129 -41.91 -13.15 -15.09
N CYS C 130 -42.58 -14.21 -14.64
CA CYS C 130 -42.09 -14.97 -13.49
C CYS C 130 -40.75 -15.60 -13.79
N LEU C 131 -40.58 -16.14 -14.99
CA LEU C 131 -39.28 -16.70 -15.39
C LEU C 131 -38.20 -15.64 -15.41
N VAL C 132 -38.52 -14.45 -15.90
CA VAL C 132 -37.56 -13.34 -15.87
C VAL C 132 -37.29 -12.92 -14.42
N PHE C 133 -38.32 -12.95 -13.57
CA PHE C 133 -38.14 -12.53 -12.19
C PHE C 133 -37.16 -13.42 -11.45
N VAL C 134 -37.34 -14.74 -11.52
CA VAL C 134 -36.42 -15.64 -10.84
C VAL C 134 -35.04 -15.55 -11.45
N LEU C 135 -34.97 -15.53 -12.79
CA LEU C 135 -33.68 -15.36 -13.45
C LEU C 135 -33.03 -14.04 -13.07
N GLY C 136 -33.83 -12.98 -12.98
CA GLY C 136 -33.31 -11.70 -12.53
C GLY C 136 -32.88 -11.72 -11.07
N ILE C 137 -33.65 -12.40 -10.22
CA ILE C 137 -33.37 -12.40 -8.79
C ILE C 137 -32.03 -13.08 -8.51
N ILE C 138 -31.83 -14.29 -9.05
CA ILE C 138 -30.58 -15.00 -8.80
C ILE C 138 -29.42 -14.35 -9.56
N GLY C 139 -29.69 -13.78 -10.72
CA GLY C 139 -28.65 -13.20 -11.55
C GLY C 139 -27.87 -12.08 -10.89
N ASN C 140 -28.56 -10.99 -10.54
CA ASN C 140 -27.87 -9.84 -9.95
C ASN C 140 -27.47 -10.09 -8.51
N SER C 141 -28.27 -10.86 -7.75
CA SER C 141 -27.93 -11.12 -6.35
C SER C 141 -26.62 -11.89 -6.24
N THR C 142 -26.38 -12.82 -7.18
CA THR C 142 -25.10 -13.51 -7.21
C THR C 142 -23.96 -12.54 -7.41
N LEU C 143 -24.15 -11.55 -8.29
CA LEU C 143 -23.13 -10.52 -8.49
C LEU C 143 -22.92 -9.71 -7.21
N LEU C 144 -24.02 -9.36 -6.52
CA LEU C 144 -23.90 -8.64 -5.25
C LEU C 144 -23.18 -9.48 -4.20
N ARG C 145 -23.50 -10.78 -4.13
CA ARG C 145 -22.85 -11.64 -3.16
C ARG C 145 -21.35 -11.76 -3.44
N ILE C 146 -20.99 -11.93 -4.71
CA ILE C 146 -19.57 -12.03 -5.07
C ILE C 146 -18.86 -10.71 -4.82
N ILE C 147 -19.49 -9.59 -5.18
CA ILE C 147 -18.87 -8.28 -5.02
C ILE C 147 -18.72 -7.87 -3.56
N TYR C 148 -19.43 -8.53 -2.65
CA TYR C 148 -19.38 -8.19 -1.23
C TYR C 148 -18.65 -9.22 -0.38
N LYS C 149 -18.85 -10.51 -0.64
CA LYS C 149 -18.18 -11.54 0.16
C LYS C 149 -16.68 -11.50 -0.05
N ASN C 150 -16.22 -11.34 -1.28
CA ASN C 150 -14.81 -11.30 -1.58
C ASN C 150 -14.29 -9.87 -1.48
N LYS C 151 -13.07 -9.73 -0.98
CA LYS C 151 -12.45 -8.42 -0.79
C LYS C 151 -11.62 -7.99 -1.99
N CYS C 152 -11.01 -8.94 -2.69
CA CYS C 152 -10.18 -8.59 -3.85
C CYS C 152 -10.99 -8.00 -5.00
N MET C 153 -12.25 -8.40 -5.14
CA MET C 153 -13.11 -7.88 -6.20
C MET C 153 -13.83 -6.60 -5.76
N ARG C 154 -13.05 -5.58 -5.41
CA ARG C 154 -13.58 -4.28 -4.99
C ARG C 154 -12.91 -3.17 -5.78
N ASN C 155 -12.67 -3.41 -7.07
CA ASN C 155 -12.02 -2.43 -7.92
C ASN C 155 -12.99 -1.28 -8.24
N GLY C 156 -12.47 -0.26 -8.91
CA GLY C 156 -13.26 0.88 -9.31
C GLY C 156 -14.44 0.53 -10.20
N PRO C 157 -14.19 -0.21 -11.29
CA PRO C 157 -15.32 -0.68 -12.12
C PRO C 157 -16.24 -1.63 -11.39
N ASN C 158 -15.75 -2.35 -10.37
CA ASN C 158 -16.57 -3.35 -9.71
C ASN C 158 -17.74 -2.72 -8.96
N ILE C 159 -17.51 -1.61 -8.26
CA ILE C 159 -18.61 -0.93 -7.58
C ILE C 159 -19.58 -0.35 -8.60
N LEU C 160 -19.07 0.13 -9.74
CA LEU C 160 -19.94 0.59 -10.81
C LEU C 160 -20.79 -0.56 -11.36
N ILE C 161 -20.17 -1.74 -11.54
CA ILE C 161 -20.92 -2.92 -11.97
C ILE C 161 -21.91 -3.34 -10.90
N ALA C 162 -21.49 -3.31 -9.63
CA ALA C 162 -22.38 -3.67 -8.54
C ALA C 162 -23.56 -2.71 -8.45
N SER C 163 -23.31 -1.41 -8.66
CA SER C 163 -24.38 -0.43 -8.65
C SER C 163 -25.41 -0.70 -9.74
N LEU C 164 -24.94 -1.07 -10.93
CA LEU C 164 -25.85 -1.46 -12.00
C LEU C 164 -26.65 -2.70 -11.60
N ALA C 165 -26.00 -3.68 -10.99
CA ALA C 165 -26.71 -4.85 -10.48
C ALA C 165 -27.62 -4.46 -9.32
N LEU C 166 -27.16 -3.56 -8.45
CA LEU C 166 -28.01 -3.06 -7.38
C LEU C 166 -29.23 -2.34 -7.95
N GLY C 167 -29.03 -1.53 -9.00
CA GLY C 167 -30.16 -0.93 -9.67
C GLY C 167 -31.05 -1.96 -10.34
N ASP C 168 -30.44 -2.98 -10.95
CA ASP C 168 -31.21 -4.07 -11.54
C ASP C 168 -31.92 -4.88 -10.47
N LEU C 169 -31.34 -4.96 -9.26
CA LEU C 169 -32.04 -5.59 -8.15
C LEU C 169 -33.32 -4.85 -7.82
N LEU C 170 -33.21 -3.54 -7.58
CA LEU C 170 -34.37 -2.74 -7.22
C LEU C 170 -35.33 -2.61 -8.39
N HIS C 171 -34.83 -2.74 -9.62
CA HIS C 171 -35.68 -2.66 -10.81
C HIS C 171 -36.75 -3.75 -10.79
N ILE C 172 -36.32 -5.01 -10.85
CA ILE C 172 -37.27 -6.13 -10.96
C ILE C 172 -38.07 -6.33 -9.69
N VAL C 173 -37.62 -5.79 -8.56
CA VAL C 173 -38.34 -5.99 -7.30
C VAL C 173 -39.68 -5.24 -7.33
N ILE C 174 -39.69 -4.05 -7.92
CA ILE C 174 -40.88 -3.20 -7.82
C ILE C 174 -41.83 -3.43 -8.99
N ASP C 175 -41.34 -3.28 -10.23
CA ASP C 175 -42.24 -3.24 -11.37
C ASP C 175 -42.90 -4.58 -11.63
N ILE C 176 -42.12 -5.66 -11.59
CA ILE C 176 -42.63 -6.97 -12.00
C ILE C 176 -43.86 -7.40 -11.21
N PRO C 177 -43.88 -7.35 -9.87
CA PRO C 177 -45.09 -7.80 -9.15
C PRO C 177 -46.34 -7.00 -9.46
N ILE C 178 -46.22 -5.70 -9.76
CA ILE C 178 -47.40 -4.87 -9.96
C ILE C 178 -47.83 -4.77 -11.42
N ASN C 179 -46.92 -4.94 -12.38
CA ASN C 179 -47.35 -5.04 -13.78
C ASN C 179 -48.13 -6.32 -14.01
N VAL C 180 -47.63 -7.44 -13.49
CA VAL C 180 -48.31 -8.71 -13.71
C VAL C 180 -49.59 -8.80 -12.89
N TYR C 181 -49.68 -8.03 -11.80
CA TYR C 181 -50.90 -8.03 -11.01
C TYR C 181 -52.06 -7.45 -11.82
N LYS C 182 -51.82 -6.32 -12.48
CA LYS C 182 -52.90 -5.64 -13.21
C LYS C 182 -53.52 -6.54 -14.26
N LEU C 183 -52.79 -7.53 -14.75
CA LEU C 183 -53.38 -8.54 -15.61
C LEU C 183 -54.45 -9.34 -14.86
N LEU C 184 -54.15 -9.74 -13.62
CA LEU C 184 -55.15 -10.42 -12.81
C LEU C 184 -56.31 -9.50 -12.43
N ALA C 185 -56.00 -8.30 -11.93
CA ALA C 185 -57.01 -7.33 -11.55
C ALA C 185 -56.36 -5.96 -11.34
N GLU C 186 -57.12 -4.89 -11.61
CA GLU C 186 -56.63 -3.53 -11.45
C GLU C 186 -57.47 -2.81 -10.39
N ASP C 187 -56.87 -2.64 -9.20
CA ASP C 187 -57.55 -2.00 -8.09
C ASP C 187 -56.60 -0.98 -7.47
N TRP C 188 -55.31 -1.21 -7.64
CA TRP C 188 -54.25 -0.49 -6.93
C TRP C 188 -54.53 -0.52 -5.43
N PRO C 189 -54.62 -1.71 -4.80
CA PRO C 189 -54.95 -1.77 -3.38
C PRO C 189 -53.75 -1.48 -2.49
N PHE C 190 -53.05 -0.38 -2.79
CA PHE C 190 -51.85 -0.01 -2.05
C PHE C 190 -51.91 1.38 -1.43
N GLY C 191 -53.00 2.11 -1.61
CA GLY C 191 -53.13 3.43 -1.02
C GLY C 191 -52.59 4.53 -1.92
N ALA C 192 -53.03 5.75 -1.62
CA ALA C 192 -52.59 6.91 -2.39
C ALA C 192 -51.16 7.31 -2.04
N GLU C 193 -50.74 7.06 -0.80
CA GLU C 193 -49.37 7.41 -0.41
C GLU C 193 -48.35 6.62 -1.21
N MET C 194 -48.61 5.32 -1.43
CA MET C 194 -47.73 4.49 -2.23
C MET C 194 -48.00 4.66 -3.72
N CYS C 195 -49.20 5.13 -4.07
CA CYS C 195 -49.54 5.33 -5.48
C CYS C 195 -48.57 6.29 -6.17
N LYS C 196 -47.94 7.17 -5.41
CA LYS C 196 -46.85 8.00 -5.93
C LYS C 196 -45.49 7.41 -5.67
N LEU C 197 -45.40 6.30 -4.94
CA LEU C 197 -44.10 5.74 -4.58
C LEU C 197 -43.55 4.86 -5.70
N VAL C 198 -44.39 4.01 -6.29
CA VAL C 198 -43.93 3.18 -7.41
C VAL C 198 -43.47 4.02 -8.60
N PRO C 199 -44.25 4.98 -9.11
CA PRO C 199 -43.74 5.76 -10.26
C PRO C 199 -42.47 6.52 -9.97
N PHE C 200 -42.31 7.03 -8.75
CA PHE C 200 -41.07 7.72 -8.39
C PHE C 200 -39.91 6.73 -8.31
N ILE C 201 -40.11 5.62 -7.57
CA ILE C 201 -39.02 4.69 -7.34
C ILE C 201 -38.68 3.93 -8.61
N GLN C 202 -39.69 3.48 -9.36
CA GLN C 202 -39.41 2.67 -10.54
C GLN C 202 -38.73 3.50 -11.63
N LYS C 203 -39.06 4.78 -11.74
CA LYS C 203 -38.25 5.68 -12.56
C LYS C 203 -36.82 5.76 -12.03
N ALA C 204 -36.66 5.87 -10.70
CA ALA C 204 -35.33 5.84 -10.12
C ALA C 204 -34.73 4.44 -10.16
N SER C 205 -35.58 3.42 -10.26
CA SER C 205 -35.08 2.05 -10.33
C SER C 205 -34.25 1.83 -11.59
N VAL C 206 -34.73 2.34 -12.72
CA VAL C 206 -33.99 2.20 -13.97
C VAL C 206 -33.13 3.42 -14.25
N GLY C 207 -33.39 4.55 -13.60
CA GLY C 207 -32.56 5.72 -13.78
C GLY C 207 -31.11 5.49 -13.37
N ILE C 208 -30.90 4.69 -12.33
CA ILE C 208 -29.54 4.31 -11.94
C ILE C 208 -28.91 3.40 -12.99
N THR C 209 -29.70 2.46 -13.52
CA THR C 209 -29.16 1.49 -14.48
C THR C 209 -28.80 2.14 -15.81
N VAL C 210 -29.64 3.06 -16.30
CA VAL C 210 -29.41 3.63 -17.62
C VAL C 210 -28.12 4.44 -17.62
N LEU C 211 -27.86 5.19 -16.56
CA LEU C 211 -26.60 5.94 -16.46
C LEU C 211 -25.43 5.06 -16.02
N SER C 212 -25.70 3.94 -15.35
CA SER C 212 -24.63 3.03 -14.99
C SER C 212 -23.96 2.44 -16.23
N LEU C 213 -24.76 2.09 -17.25
CA LEU C 213 -24.19 1.66 -18.52
C LEU C 213 -23.36 2.77 -19.14
N CYS C 214 -23.85 4.02 -19.07
CA CYS C 214 -23.06 5.15 -19.52
C CYS C 214 -21.81 5.32 -18.67
N ALA C 215 -21.94 5.18 -17.36
CA ALA C 215 -20.78 5.30 -16.47
C ALA C 215 -19.77 4.20 -16.73
N LEU C 216 -20.25 2.97 -16.97
CA LEU C 216 -19.34 1.88 -17.29
C LEU C 216 -18.60 2.14 -18.59
N SER C 217 -19.29 2.68 -19.58
CA SER C 217 -18.63 3.04 -20.84
C SER C 217 -17.61 4.15 -20.63
N ILE C 218 -17.90 5.08 -19.71
CA ILE C 218 -16.97 6.17 -19.45
C ILE C 218 -15.65 5.63 -18.89
N ASP C 219 -15.75 4.73 -17.91
CA ASP C 219 -14.56 4.21 -17.26
C ASP C 219 -13.82 3.20 -18.13
N ARG C 220 -14.54 2.42 -18.93
CA ARG C 220 -13.89 1.45 -19.79
C ARG C 220 -13.03 2.13 -20.85
N TYR C 221 -13.49 3.27 -21.38
CA TYR C 221 -12.71 4.01 -22.36
C TYR C 221 -11.44 4.59 -21.74
N ARG C 222 -11.44 4.81 -20.42
CA ARG C 222 -10.30 5.48 -19.79
C ARG C 222 -9.03 4.63 -19.88
N ALA C 223 -9.13 3.36 -19.49
CA ALA C 223 -7.93 2.52 -19.45
C ALA C 223 -7.51 2.08 -20.85
N VAL C 224 -8.48 1.88 -21.75
CA VAL C 224 -8.15 1.47 -23.12
C VAL C 224 -7.34 2.57 -23.81
N ALA C 225 -7.67 3.83 -23.54
CA ALA C 225 -6.95 4.96 -24.10
C ALA C 225 -5.77 5.39 -23.24
N SER C 226 -5.47 4.66 -22.16
CA SER C 226 -4.36 4.98 -21.27
C SER C 226 -3.29 3.90 -21.38
N TRP C 227 -2.04 4.33 -21.25
CA TRP C 227 -0.89 3.43 -21.32
C TRP C 227 -0.50 2.86 -19.97
N SER C 228 -1.23 3.19 -18.90
CA SER C 228 -0.96 2.67 -17.58
C SER C 228 -2.25 2.23 -16.92
N ARG C 229 -2.13 1.27 -16.00
CA ARG C 229 -3.31 0.77 -15.32
C ARG C 229 -2.90 -0.07 -14.11
N ILE C 230 -3.88 -0.32 -13.26
CA ILE C 230 -3.65 -1.10 -12.05
C ILE C 230 -4.83 -1.06 -11.08
N VAL C 235 -11.06 1.57 -4.42
CA VAL C 235 -12.07 2.56 -4.77
C VAL C 235 -11.41 3.92 -5.01
N PRO C 236 -11.25 4.29 -6.28
CA PRO C 236 -10.67 5.59 -6.61
C PRO C 236 -11.54 6.74 -6.13
N LYS C 237 -10.89 7.86 -5.82
CA LYS C 237 -11.60 9.03 -5.35
C LYS C 237 -12.56 9.56 -6.42
N TRP C 238 -12.10 9.60 -7.67
CA TRP C 238 -12.97 10.04 -8.76
C TRP C 238 -14.15 9.10 -8.94
N THR C 239 -13.92 7.79 -8.85
CA THR C 239 -15.00 6.82 -9.00
C THR C 239 -16.01 6.94 -7.86
N ALA C 240 -15.52 7.18 -6.64
CA ALA C 240 -16.42 7.32 -5.49
C ALA C 240 -17.35 8.52 -5.65
N VAL C 241 -16.83 9.62 -6.18
CA VAL C 241 -17.68 10.77 -6.47
C VAL C 241 -18.62 10.46 -7.63
N GLU C 242 -18.13 9.69 -8.62
CA GLU C 242 -18.92 9.41 -9.81
C GLU C 242 -20.16 8.59 -9.47
N ILE C 243 -20.02 7.57 -8.62
CA ILE C 243 -21.17 6.75 -8.26
C ILE C 243 -22.15 7.54 -7.40
N VAL C 244 -21.65 8.37 -6.49
CA VAL C 244 -22.50 9.17 -5.62
C VAL C 244 -23.38 10.10 -6.45
N LEU C 245 -22.79 10.70 -7.50
CA LEU C 245 -23.54 11.66 -8.31
C LEU C 245 -24.72 11.01 -9.02
N ILE C 246 -24.55 9.80 -9.54
CA ILE C 246 -25.61 9.17 -10.31
C ILE C 246 -26.77 8.80 -9.41
N TRP C 247 -26.48 8.29 -8.21
CA TRP C 247 -27.54 7.80 -7.32
C TRP C 247 -28.45 8.90 -6.82
N VAL C 248 -28.02 10.16 -6.88
CA VAL C 248 -28.84 11.29 -6.49
C VAL C 248 -29.43 12.00 -7.70
N VAL C 249 -28.67 12.12 -8.78
CA VAL C 249 -29.17 12.78 -9.98
C VAL C 249 -30.34 12.00 -10.58
N SER C 250 -30.38 10.68 -10.36
CA SER C 250 -31.52 9.90 -10.82
C SER C 250 -32.78 10.25 -10.03
N VAL C 251 -32.65 10.39 -8.70
CA VAL C 251 -33.79 10.79 -7.88
C VAL C 251 -34.22 12.21 -8.22
N VAL C 252 -33.25 13.10 -8.40
CA VAL C 252 -33.57 14.50 -8.74
C VAL C 252 -34.28 14.56 -10.08
N LEU C 253 -33.86 13.75 -11.04
CA LEU C 253 -34.50 13.74 -12.36
C LEU C 253 -35.76 12.89 -12.39
N ALA C 254 -36.08 12.19 -11.31
CA ALA C 254 -37.31 11.40 -11.23
C ALA C 254 -38.28 11.93 -10.18
N VAL C 255 -37.91 12.96 -9.44
CA VAL C 255 -38.82 13.56 -8.45
C VAL C 255 -40.01 14.24 -9.10
N PRO C 256 -39.96 14.72 -10.36
CA PRO C 256 -41.22 15.18 -10.98
C PRO C 256 -42.26 14.08 -11.10
N GLU C 257 -41.84 12.81 -11.17
CA GLU C 257 -42.80 11.72 -11.22
C GLU C 257 -43.46 11.50 -9.86
N ALA C 258 -42.79 11.91 -8.77
CA ALA C 258 -43.35 11.71 -7.44
C ALA C 258 -44.62 12.55 -7.25
N ILE C 259 -44.62 13.78 -7.71
CA ILE C 259 -45.75 14.69 -7.57
C ILE C 259 -46.43 14.81 -8.93
N GLY C 260 -47.71 14.45 -8.98
CA GLY C 260 -48.46 14.49 -10.22
C GLY C 260 -49.34 13.27 -10.40
N PHE C 261 -48.89 12.14 -9.86
CA PHE C 261 -49.69 10.92 -9.92
C PHE C 261 -50.71 10.92 -8.78
N ASP C 262 -51.94 10.51 -9.10
CA ASP C 262 -53.02 10.55 -8.13
C ASP C 262 -54.00 9.43 -8.43
N ILE C 263 -54.96 9.27 -7.53
CA ILE C 263 -56.02 8.26 -7.65
C ILE C 263 -57.32 8.98 -7.97
N ILE C 264 -58.00 8.54 -9.02
CA ILE C 264 -59.23 9.15 -9.48
C ILE C 264 -60.31 8.07 -9.58
N THR C 265 -61.50 8.37 -9.08
CA THR C 265 -62.63 7.47 -9.19
C THR C 265 -63.36 7.70 -10.52
N MET C 266 -63.81 6.61 -11.13
CA MET C 266 -64.50 6.68 -12.40
C MET C 266 -65.39 5.45 -12.53
N ASP C 267 -66.64 5.67 -12.94
CA ASP C 267 -67.64 4.62 -13.06
C ASP C 267 -67.79 4.25 -14.53
N TYR C 268 -67.34 3.05 -14.88
CA TYR C 268 -67.46 2.53 -16.24
C TYR C 268 -68.64 1.56 -16.27
N LYS C 269 -69.79 2.06 -16.74
CA LYS C 269 -71.03 1.29 -16.79
C LYS C 269 -71.44 0.75 -15.42
N GLY C 270 -70.91 1.35 -14.36
CA GLY C 270 -71.21 0.91 -13.00
C GLY C 270 -70.12 0.05 -12.41
N SER C 271 -69.25 0.66 -11.61
CA SER C 271 -68.12 -0.04 -10.99
C SER C 271 -67.43 0.92 -10.02
N TYR C 272 -66.79 0.35 -9.01
CA TYR C 272 -66.00 1.12 -8.06
C TYR C 272 -64.53 1.11 -8.48
N LEU C 273 -64.28 1.59 -9.69
CA LEU C 273 -62.95 1.56 -10.27
C LEU C 273 -62.17 2.81 -9.86
N ARG C 274 -60.98 2.59 -9.33
CA ARG C 274 -60.08 3.67 -8.90
C ARG C 274 -58.93 3.75 -9.90
N ILE C 275 -59.11 4.59 -10.92
CA ILE C 275 -58.08 4.72 -11.96
C ILE C 275 -56.89 5.51 -11.41
N CYS C 276 -55.74 5.34 -12.07
CA CYS C 276 -54.51 6.01 -11.68
C CYS C 276 -53.81 6.53 -12.93
N LEU C 277 -53.48 7.82 -12.93
CA LEU C 277 -52.78 8.44 -14.05
C LEU C 277 -52.25 9.79 -13.58
N LEU C 278 -51.46 10.41 -14.46
CA LEU C 278 -50.98 11.77 -14.20
C LEU C 278 -52.15 12.74 -14.31
N HIS C 279 -52.30 13.59 -13.32
CA HIS C 279 -53.49 14.44 -13.25
C HIS C 279 -53.44 15.52 -14.31
N PRO C 280 -54.50 15.66 -15.13
CA PRO C 280 -54.51 16.72 -16.15
C PRO C 280 -54.51 18.13 -15.58
N VAL C 281 -54.85 18.32 -14.31
CA VAL C 281 -54.82 19.67 -13.74
C VAL C 281 -53.39 20.16 -13.60
N GLN C 282 -52.43 19.25 -13.49
CA GLN C 282 -50.99 19.53 -13.48
C GLN C 282 -50.53 20.24 -12.21
N LYS C 283 -51.48 20.67 -11.37
CA LYS C 283 -51.16 21.44 -10.17
C LYS C 283 -50.23 22.60 -10.50
N THR C 284 -48.94 22.42 -10.24
CA THR C 284 -47.95 23.43 -10.56
C THR C 284 -47.78 23.55 -12.08
N ALA C 285 -47.52 24.77 -12.54
CA ALA C 285 -47.35 24.99 -13.98
C ALA C 285 -46.16 24.24 -14.54
N PHE C 286 -45.15 23.96 -13.71
CA PHE C 286 -44.00 23.19 -14.18
C PHE C 286 -44.40 21.77 -14.57
N MET C 287 -45.28 21.15 -13.80
CA MET C 287 -45.73 19.80 -14.13
C MET C 287 -46.53 19.77 -15.43
N GLN C 288 -47.13 20.90 -15.81
CA GLN C 288 -47.82 20.97 -17.09
C GLN C 288 -46.85 20.77 -18.25
N PHE C 289 -45.66 21.37 -18.15
CA PHE C 289 -44.63 21.13 -19.15
C PHE C 289 -44.15 19.69 -19.11
N TYR C 290 -44.16 19.07 -17.91
CA TYR C 290 -43.65 17.72 -17.76
C TYR C 290 -44.45 16.72 -18.59
N LYS C 291 -45.79 16.78 -18.52
CA LYS C 291 -46.60 15.82 -19.26
C LYS C 291 -46.53 16.08 -20.76
N THR C 292 -46.48 17.35 -21.17
CA THR C 292 -46.43 17.68 -22.59
C THR C 292 -45.21 17.07 -23.25
N ALA C 293 -44.09 17.02 -22.54
CA ALA C 293 -42.86 16.40 -23.05
C ALA C 293 -42.52 15.12 -22.30
N LYS C 294 -43.49 14.49 -21.65
CA LYS C 294 -43.22 13.28 -20.88
C LYS C 294 -42.67 12.17 -21.77
N ASP C 295 -43.30 11.96 -22.92
CA ASP C 295 -42.81 10.96 -23.87
C ASP C 295 -41.43 11.34 -24.39
N TRP C 296 -41.22 12.61 -24.73
CA TRP C 296 -39.96 13.04 -25.31
C TRP C 296 -38.85 13.14 -24.27
N TRP C 297 -39.18 13.61 -23.05
CA TRP C 297 -38.16 13.67 -22.00
C TRP C 297 -37.68 12.28 -21.64
N LEU C 298 -38.59 11.31 -21.56
CA LEU C 298 -38.19 9.93 -21.33
C LEU C 298 -37.33 9.41 -22.49
N PHE C 299 -37.73 9.71 -23.72
CA PHE C 299 -36.94 9.28 -24.87
C PHE C 299 -35.58 9.98 -24.90
N SER C 300 -35.55 11.27 -24.59
CA SER C 300 -34.29 12.02 -24.68
C SER C 300 -33.29 11.57 -23.63
N PHE C 301 -33.75 11.36 -22.39
CA PHE C 301 -32.87 11.11 -21.27
C PHE C 301 -32.69 9.63 -20.95
N TYR C 302 -33.46 8.75 -21.59
CA TYR C 302 -33.24 7.32 -21.51
C TYR C 302 -32.69 6.70 -22.79
N PHE C 303 -32.97 7.30 -23.95
CA PHE C 303 -32.52 6.76 -25.23
C PHE C 303 -31.58 7.70 -25.97
N CYS C 304 -31.98 8.96 -26.19
CA CYS C 304 -31.18 9.86 -27.02
C CYS C 304 -29.81 10.11 -26.39
N LEU C 305 -29.78 10.72 -25.20
CA LEU C 305 -28.50 11.00 -24.54
C LEU C 305 -27.72 9.74 -24.18
N PRO C 306 -28.32 8.71 -23.55
CA PRO C 306 -27.51 7.54 -23.15
C PRO C 306 -26.95 6.75 -24.32
N LEU C 307 -27.80 6.38 -25.28
CA LEU C 307 -27.35 5.54 -26.39
C LEU C 307 -26.36 6.25 -27.29
N ALA C 308 -26.31 7.58 -27.25
CA ALA C 308 -25.35 8.31 -28.10
C ALA C 308 -23.94 8.23 -27.52
N ILE C 309 -23.80 8.56 -26.24
CA ILE C 309 -22.46 8.55 -25.63
C ILE C 309 -21.93 7.13 -25.50
N THR C 310 -22.80 6.17 -25.17
CA THR C 310 -22.35 4.79 -25.05
C THR C 310 -22.01 4.17 -26.39
N ALA C 311 -22.39 4.80 -27.50
CA ALA C 311 -22.00 4.34 -28.82
C ALA C 311 -20.79 5.09 -29.38
N PHE C 312 -20.66 6.38 -29.06
CA PHE C 312 -19.51 7.14 -29.51
C PHE C 312 -18.26 6.76 -28.73
N PHE C 313 -18.37 6.61 -27.42
CA PHE C 313 -17.20 6.31 -26.60
C PHE C 313 -16.74 4.87 -26.77
N TYR C 314 -17.69 3.93 -26.83
CA TYR C 314 -17.33 2.53 -27.02
C TYR C 314 -16.65 2.32 -28.37
N THR C 315 -17.16 2.97 -29.42
CA THR C 315 -16.50 2.91 -30.71
C THR C 315 -15.10 3.53 -30.65
N LEU C 316 -14.96 4.62 -29.90
CA LEU C 316 -13.64 5.22 -29.71
C LEU C 316 -12.70 4.25 -28.99
N MET C 317 -13.22 3.55 -27.98
CA MET C 317 -12.41 2.51 -27.33
C MET C 317 -12.07 1.39 -28.30
N THR C 318 -13.03 0.97 -29.12
CA THR C 318 -12.76 -0.06 -30.11
C THR C 318 -11.73 0.40 -31.13
N CYS C 319 -11.83 1.65 -31.57
CA CYS C 319 -10.87 2.17 -32.55
C CYS C 319 -9.47 2.25 -31.94
N GLU C 320 -9.36 2.72 -30.70
CA GLU C 320 -8.05 2.79 -30.05
C GLU C 320 -7.50 1.40 -29.78
N MET C 321 -8.35 0.46 -29.35
CA MET C 321 -7.89 -0.89 -29.05
C MET C 321 -7.40 -1.60 -30.31
N LEU C 322 -8.12 -1.46 -31.42
CA LEU C 322 -7.76 -2.15 -32.64
C LEU C 322 -6.69 -1.40 -33.43
N ARG C 323 -6.96 -0.16 -33.78
CA ARG C 323 -6.01 0.65 -34.54
C ARG C 323 -4.97 1.28 -33.62
N LEU C 336 -5.03 -10.68 -31.69
CA LEU C 336 -6.09 -9.73 -31.97
C LEU C 336 -7.47 -10.38 -31.87
N LYS C 337 -7.47 -11.69 -31.63
CA LYS C 337 -8.73 -12.41 -31.49
C LYS C 337 -9.49 -11.94 -30.25
N GLN C 338 -8.78 -11.72 -29.14
CA GLN C 338 -9.43 -11.23 -27.94
C GLN C 338 -10.01 -9.84 -28.13
N ARG C 339 -9.26 -8.97 -28.82
CA ARG C 339 -9.76 -7.62 -29.08
C ARG C 339 -11.00 -7.64 -29.97
N ARG C 340 -10.99 -8.50 -31.00
CA ARG C 340 -12.16 -8.62 -31.86
C ARG C 340 -13.34 -9.22 -31.11
N GLU C 341 -13.08 -10.23 -30.28
CA GLU C 341 -14.16 -10.89 -29.53
C GLU C 341 -14.76 -9.94 -28.49
N VAL C 342 -13.90 -9.20 -27.78
CA VAL C 342 -14.41 -8.27 -26.78
C VAL C 342 -15.14 -7.11 -27.43
N ALA C 343 -14.81 -6.80 -28.69
CA ALA C 343 -15.53 -5.75 -29.39
C ALA C 343 -16.95 -6.18 -29.74
N LYS C 344 -17.15 -7.46 -30.02
CA LYS C 344 -18.49 -7.96 -30.36
C LYS C 344 -19.40 -8.00 -29.15
N THR C 345 -18.87 -8.39 -27.98
CA THR C 345 -19.73 -8.54 -26.81
C THR C 345 -20.23 -7.19 -26.30
N VAL C 346 -19.40 -6.15 -26.38
CA VAL C 346 -19.86 -4.81 -25.99
C VAL C 346 -20.83 -4.27 -27.04
N PHE C 347 -20.56 -4.51 -28.32
CA PHE C 347 -21.49 -4.10 -29.36
C PHE C 347 -22.81 -4.84 -29.24
N CYS C 348 -22.75 -6.13 -28.88
CA CYS C 348 -23.98 -6.87 -28.62
C CYS C 348 -24.71 -6.32 -27.40
N LEU C 349 -23.95 -5.96 -26.36
CA LEU C 349 -24.57 -5.47 -25.13
C LEU C 349 -25.31 -4.16 -25.36
N VAL C 350 -24.71 -3.22 -26.10
CA VAL C 350 -25.38 -1.97 -26.38
C VAL C 350 -26.54 -2.19 -27.35
N LEU C 351 -26.36 -3.08 -28.33
CA LEU C 351 -27.43 -3.35 -29.29
C LEU C 351 -28.62 -4.02 -28.61
N VAL C 352 -28.36 -4.99 -27.73
CA VAL C 352 -29.46 -5.66 -27.04
C VAL C 352 -30.14 -4.71 -26.06
N PHE C 353 -29.39 -3.76 -25.50
CA PHE C 353 -30.00 -2.74 -24.65
C PHE C 353 -30.95 -1.86 -25.45
N ALA C 354 -30.54 -1.48 -26.67
CA ALA C 354 -31.36 -0.60 -27.49
C ALA C 354 -32.68 -1.28 -27.88
N LEU C 355 -32.64 -2.55 -28.27
CA LEU C 355 -33.84 -3.24 -28.70
C LEU C 355 -34.68 -3.77 -27.53
N CYS C 356 -34.15 -3.74 -26.31
CA CYS C 356 -34.92 -4.22 -25.17
C CYS C 356 -35.87 -3.14 -24.65
N TRP C 357 -35.39 -1.91 -24.50
CA TRP C 357 -36.21 -0.82 -24.01
C TRP C 357 -36.95 -0.08 -25.11
N LEU C 358 -36.68 -0.41 -26.37
CA LEU C 358 -37.37 0.26 -27.47
C LEU C 358 -38.88 0.02 -27.47
N PRO C 359 -39.38 -1.21 -27.36
CA PRO C 359 -40.85 -1.40 -27.45
C PRO C 359 -41.63 -0.64 -26.39
N LEU C 360 -41.10 -0.54 -25.16
CA LEU C 360 -41.80 0.21 -24.13
C LEU C 360 -41.79 1.71 -24.43
N HIS C 361 -40.64 2.23 -24.89
CA HIS C 361 -40.55 3.64 -25.24
C HIS C 361 -41.27 3.95 -26.55
N LEU C 362 -41.26 3.01 -27.51
CA LEU C 362 -41.93 3.24 -28.77
C LEU C 362 -43.45 3.32 -28.60
N SER C 363 -44.00 2.59 -27.62
CA SER C 363 -45.44 2.62 -27.39
C SER C 363 -45.91 4.02 -27.03
N ARG C 364 -45.17 4.71 -26.16
CA ARG C 364 -45.51 6.09 -25.85
C ARG C 364 -45.23 7.02 -27.02
N ILE C 365 -44.27 6.67 -27.87
CA ILE C 365 -43.98 7.47 -29.06
C ILE C 365 -45.18 7.48 -29.99
N LEU C 366 -45.79 6.30 -30.20
CA LEU C 366 -46.97 6.24 -31.05
C LEU C 366 -48.14 7.03 -30.48
N LYS C 367 -48.23 7.12 -29.15
CA LYS C 367 -49.30 7.90 -28.54
C LYS C 367 -49.18 9.38 -28.86
N LEU C 368 -47.98 9.94 -28.68
CA LEU C 368 -47.82 11.38 -28.84
C LEU C 368 -47.82 11.80 -30.31
N THR C 369 -47.77 10.87 -31.25
CA THR C 369 -47.64 11.21 -32.66
C THR C 369 -48.97 11.13 -33.41
N LEU C 370 -49.63 9.97 -33.37
CA LEU C 370 -50.76 9.70 -34.24
C LEU C 370 -52.07 9.48 -33.49
N TYR C 371 -52.13 9.81 -32.21
CA TYR C 371 -53.38 9.68 -31.46
C TYR C 371 -54.34 10.79 -31.86
N ASN C 372 -55.58 10.40 -32.21
CA ASN C 372 -56.59 11.36 -32.62
C ASN C 372 -57.94 10.92 -32.07
N GLN C 373 -58.74 11.89 -31.65
CA GLN C 373 -60.06 11.62 -31.08
C GLN C 373 -61.17 11.63 -32.12
N ASN C 374 -60.98 12.34 -33.25
CA ASN C 374 -62.02 12.41 -34.27
C ASN C 374 -62.30 11.04 -34.87
N ASP C 375 -61.24 10.29 -35.19
CA ASP C 375 -61.41 8.96 -35.76
C ASP C 375 -61.87 8.00 -34.67
N PRO C 376 -62.89 7.19 -34.93
CA PRO C 376 -63.34 6.22 -33.92
C PRO C 376 -62.50 4.94 -33.92
N ASN C 377 -61.19 5.10 -33.97
CA ASN C 377 -60.27 3.98 -33.92
C ASN C 377 -59.54 3.86 -32.59
N ARG C 378 -59.95 4.65 -31.59
CA ARG C 378 -59.30 4.59 -30.28
C ARG C 378 -59.46 3.23 -29.62
N CYS C 379 -60.55 2.52 -29.94
CA CYS C 379 -60.76 1.19 -29.37
C CYS C 379 -59.65 0.24 -29.80
N GLU C 380 -59.29 0.25 -31.08
CA GLU C 380 -58.19 -0.58 -31.55
C GLU C 380 -56.83 0.03 -31.25
N LEU C 381 -56.72 1.36 -31.30
CA LEU C 381 -55.43 2.02 -31.08
C LEU C 381 -54.93 1.78 -29.67
N LEU C 382 -55.80 1.96 -28.67
CA LEU C 382 -55.40 1.71 -27.29
C LEU C 382 -55.14 0.22 -27.06
N SER C 383 -55.89 -0.64 -27.74
CA SER C 383 -55.64 -2.07 -27.64
C SER C 383 -54.26 -2.43 -28.16
N PHE C 384 -53.89 -1.89 -29.33
CA PHE C 384 -52.59 -2.21 -29.91
C PHE C 384 -51.45 -1.69 -29.03
N LEU C 385 -51.58 -0.46 -28.52
CA LEU C 385 -50.53 0.10 -27.69
C LEU C 385 -50.41 -0.62 -26.35
N LEU C 386 -51.53 -1.07 -25.79
CA LEU C 386 -51.48 -1.83 -24.55
C LEU C 386 -50.80 -3.18 -24.76
N VAL C 387 -50.93 -3.74 -25.96
CA VAL C 387 -50.17 -4.94 -26.32
C VAL C 387 -48.68 -4.63 -26.28
N LEU C 388 -48.27 -3.50 -26.86
CA LEU C 388 -46.86 -3.13 -26.90
C LEU C 388 -46.34 -2.71 -25.54
N ASP C 389 -47.20 -2.16 -24.68
CA ASP C 389 -46.75 -1.69 -23.37
C ASP C 389 -46.27 -2.85 -22.50
N TYR C 390 -47.05 -3.92 -22.43
CA TYR C 390 -46.72 -5.00 -21.51
C TYR C 390 -45.57 -5.87 -22.02
N ILE C 391 -45.52 -6.12 -23.33
CA ILE C 391 -44.39 -6.88 -23.87
C ILE C 391 -43.11 -6.08 -23.74
N GLY C 392 -43.18 -4.76 -23.88
CA GLY C 392 -41.98 -3.95 -23.75
C GLY C 392 -41.43 -3.93 -22.33
N ILE C 393 -42.30 -3.77 -21.35
CA ILE C 393 -41.84 -3.69 -19.96
C ILE C 393 -41.33 -5.06 -19.49
N ASN C 394 -41.98 -6.15 -19.93
CA ASN C 394 -41.47 -7.47 -19.61
C ASN C 394 -40.10 -7.70 -20.24
N MET C 395 -39.92 -7.28 -21.49
CA MET C 395 -38.63 -7.39 -22.14
C MET C 395 -37.63 -6.38 -21.54
N ALA C 396 -38.12 -5.21 -21.11
CA ALA C 396 -37.26 -4.27 -20.41
C ALA C 396 -36.73 -4.86 -19.11
N SER C 397 -37.59 -5.60 -18.39
CA SER C 397 -37.13 -6.32 -17.21
C SER C 397 -36.08 -7.36 -17.55
N LEU C 398 -36.18 -7.95 -18.76
CA LEU C 398 -35.18 -8.92 -19.18
C LEU C 398 -33.83 -8.25 -19.41
N ASN C 399 -33.84 -6.98 -19.80
CA ASN C 399 -32.58 -6.25 -19.94
C ASN C 399 -31.89 -6.13 -18.58
N SER C 400 -32.67 -5.90 -17.52
CA SER C 400 -32.10 -5.80 -16.19
C SER C 400 -31.39 -7.09 -15.77
N CYS C 401 -31.74 -8.22 -16.39
CA CYS C 401 -31.17 -9.50 -16.00
C CYS C 401 -30.20 -10.09 -17.01
N ILE C 402 -30.04 -9.47 -18.19
CA ILE C 402 -29.10 -10.02 -19.16
C ILE C 402 -27.67 -9.55 -18.92
N ASN C 403 -27.47 -8.42 -18.26
CA ASN C 403 -26.12 -7.96 -17.96
C ASN C 403 -25.41 -8.92 -16.98
N PRO C 404 -26.03 -9.32 -15.86
CA PRO C 404 -25.34 -10.27 -14.98
C PRO C 404 -25.04 -11.61 -15.66
N ILE C 405 -25.89 -12.04 -16.59
CA ILE C 405 -25.55 -13.25 -17.34
C ILE C 405 -24.56 -12.93 -18.45
N ALA C 406 -24.51 -11.68 -18.90
CA ALA C 406 -23.49 -11.28 -19.88
C ALA C 406 -22.10 -11.35 -19.28
N LEU C 407 -21.94 -10.85 -18.05
CA LEU C 407 -20.63 -10.89 -17.40
C LEU C 407 -20.14 -12.31 -17.16
N TYR C 408 -21.07 -13.25 -16.98
CA TYR C 408 -20.69 -14.63 -16.76
C TYR C 408 -20.00 -15.22 -17.99
N LEU C 409 -20.48 -14.90 -19.18
CA LEU C 409 -20.00 -15.51 -20.40
C LEU C 409 -18.83 -14.77 -21.05
N VAL C 410 -18.41 -13.63 -20.50
CA VAL C 410 -17.35 -12.86 -21.15
C VAL C 410 -16.16 -12.72 -20.22
N SER C 411 -16.42 -12.77 -18.91
CA SER C 411 -15.39 -12.54 -17.90
C SER C 411 -14.96 -13.88 -17.31
N LYS C 412 -13.66 -14.17 -17.39
CA LYS C 412 -13.12 -15.37 -16.76
C LYS C 412 -13.02 -15.22 -15.24
N ARG C 413 -12.87 -13.99 -14.75
CA ARG C 413 -12.80 -13.77 -13.31
C ARG C 413 -14.12 -14.06 -12.62
N PHE C 414 -15.24 -13.84 -13.30
CA PHE C 414 -16.55 -14.15 -12.75
C PHE C 414 -17.00 -15.57 -13.08
N LYS C 415 -16.52 -16.13 -14.19
CA LYS C 415 -16.89 -17.50 -14.55
C LYS C 415 -16.39 -18.51 -13.51
N ASN C 416 -15.14 -18.34 -13.06
CA ASN C 416 -14.57 -19.22 -12.06
C ASN C 416 -14.97 -18.85 -10.64
N CYS C 417 -15.57 -17.68 -10.44
CA CYS C 417 -16.05 -17.26 -9.14
C CYS C 417 -17.51 -17.60 -8.91
N PHE C 418 -18.16 -18.25 -9.88
CA PHE C 418 -19.56 -18.64 -9.75
C PHE C 418 -19.73 -19.73 -8.69
N CYS D 1 -50.55 10.64 -19.29
CA CYS D 1 -51.05 9.82 -20.38
C CYS D 1 -52.31 10.43 -20.99
N SER D 2 -53.17 10.98 -20.14
CA SER D 2 -54.41 11.57 -20.59
C SER D 2 -54.13 12.84 -21.39
N CYS D 3 -54.67 12.90 -22.61
CA CYS D 3 -54.42 14.01 -23.50
C CYS D 3 -55.24 15.25 -23.17
N SER D 4 -56.30 15.11 -22.38
CA SER D 4 -57.18 16.24 -22.05
C SER D 4 -57.67 16.08 -20.61
N SER D 5 -58.48 17.05 -20.16
CA SER D 5 -59.06 16.99 -18.82
C SER D 5 -60.57 16.75 -18.87
N LEU D 6 -61.09 16.29 -20.00
CA LEU D 6 -62.51 15.99 -20.15
C LEU D 6 -62.81 14.62 -19.53
N MET D 7 -63.99 14.06 -19.83
CA MET D 7 -64.32 12.73 -19.35
C MET D 7 -63.26 11.72 -19.76
N ASP D 8 -62.90 11.71 -21.05
CA ASP D 8 -61.81 10.88 -21.57
C ASP D 8 -61.96 9.42 -21.15
N LYS D 9 -63.18 8.88 -21.27
CA LYS D 9 -63.47 7.55 -20.75
C LYS D 9 -62.52 6.51 -21.33
N GLU D 10 -62.34 6.51 -22.65
CA GLU D 10 -61.44 5.54 -23.26
C GLU D 10 -60.00 5.74 -22.78
N CYS D 11 -59.55 7.00 -22.70
CA CYS D 11 -58.17 7.27 -22.31
C CYS D 11 -57.93 6.93 -20.84
N VAL D 12 -58.87 7.29 -19.97
CA VAL D 12 -58.69 6.99 -18.55
C VAL D 12 -58.78 5.49 -18.30
N TYR D 13 -59.65 4.79 -19.03
CA TYR D 13 -59.71 3.33 -18.87
C TYR D 13 -58.42 2.69 -19.36
N PHE D 14 -57.87 3.18 -20.49
CA PHE D 14 -56.62 2.64 -21.00
C PHE D 14 -55.49 2.86 -20.02
N CYS D 15 -55.41 4.06 -19.43
CA CYS D 15 -54.35 4.33 -18.47
C CYS D 15 -54.57 3.59 -17.16
N HIS D 16 -55.83 3.22 -16.88
CA HIS D 16 -56.11 2.38 -15.71
C HIS D 16 -55.69 0.94 -15.95
N LEU D 17 -55.74 0.48 -17.21
CA LEU D 17 -55.17 -0.80 -17.58
C LEU D 17 -53.73 -0.69 -18.07
N ASP D 18 -53.19 0.52 -18.18
CA ASP D 18 -51.83 0.69 -18.70
C ASP D 18 -50.79 0.27 -17.66
N ILE D 19 -49.58 -0.01 -18.15
CA ILE D 19 -48.47 -0.32 -17.26
C ILE D 19 -48.09 0.92 -16.46
N ILE D 20 -47.52 0.70 -15.29
CA ILE D 20 -47.11 1.80 -14.43
C ILE D 20 -45.73 2.27 -14.85
N TRP D 21 -45.64 3.52 -15.27
CA TRP D 21 -44.38 4.10 -15.71
C TRP D 21 -44.22 5.52 -15.16
N VAL E 39 26.85 24.94 9.31
CA VAL E 39 25.72 25.69 9.85
C VAL E 39 26.16 27.07 10.27
N GLN E 40 25.72 28.10 9.55
CA GLN E 40 26.10 29.47 9.83
C GLN E 40 25.03 30.41 9.31
N LEU E 41 24.61 31.35 10.15
CA LEU E 41 23.58 32.32 9.80
C LEU E 41 24.17 33.73 9.85
N VAL E 42 24.02 34.47 8.77
CA VAL E 42 24.50 35.84 8.67
C VAL E 42 23.33 36.75 8.33
N GLU E 43 23.12 37.78 9.14
CA GLU E 43 22.03 38.73 8.95
C GLU E 43 22.59 40.08 8.55
N SER E 44 22.02 40.67 7.50
CA SER E 44 22.47 41.95 6.97
C SER E 44 21.32 42.95 6.99
N GLY E 45 21.66 44.20 7.21
CA GLY E 45 20.69 45.28 7.26
C GLY E 45 20.44 45.76 8.68
N GLY E 46 19.90 46.97 8.77
CA GLY E 46 19.60 47.56 10.07
C GLY E 46 20.24 48.92 10.26
N GLY E 47 20.96 49.08 11.37
CA GLY E 47 21.59 50.36 11.67
C GLY E 47 20.57 51.39 12.11
N LEU E 48 21.00 52.66 12.05
CA LEU E 48 20.13 53.76 12.43
C LEU E 48 19.09 54.00 11.34
N VAL E 49 17.82 54.07 11.74
CA VAL E 49 16.70 54.24 10.82
C VAL E 49 15.77 55.32 11.36
N GLN E 50 15.21 56.11 10.47
CA GLN E 50 14.21 57.09 10.86
C GLN E 50 12.94 56.38 11.30
N PRO E 51 12.36 56.73 12.44
CA PRO E 51 11.15 56.05 12.90
C PRO E 51 9.99 56.27 11.94
N GLY E 52 9.16 55.24 11.79
CA GLY E 52 8.07 55.25 10.85
C GLY E 52 8.42 54.85 9.44
N GLY E 53 9.69 54.57 9.17
CA GLY E 53 10.13 54.17 7.85
C GLY E 53 9.99 52.68 7.62
N SER E 54 10.48 52.24 6.46
CA SER E 54 10.42 50.84 6.07
C SER E 54 11.79 50.38 5.57
N ARG E 55 12.10 49.12 5.85
CA ARG E 55 13.35 48.52 5.39
C ARG E 55 13.18 47.00 5.39
N LYS E 56 14.11 46.34 4.71
CA LYS E 56 14.09 44.88 4.57
C LYS E 56 15.24 44.28 5.35
N LEU E 57 14.95 43.24 6.12
CA LEU E 57 15.94 42.50 6.88
C LEU E 57 16.11 41.12 6.27
N SER E 58 17.34 40.77 5.92
CA SER E 58 17.64 39.51 5.24
C SER E 58 18.68 38.73 6.02
N CYS E 59 18.46 37.41 6.12
CA CYS E 59 19.39 36.51 6.78
C CYS E 59 19.79 35.41 5.81
N SER E 60 21.09 35.15 5.72
CA SER E 60 21.64 34.15 4.83
C SER E 60 21.92 32.86 5.60
N ALA E 61 21.40 31.74 5.09
CA ALA E 61 21.57 30.45 5.73
C ALA E 61 22.49 29.58 4.88
N SER E 62 23.33 28.79 5.55
CA SER E 62 24.25 27.89 4.87
C SER E 62 24.55 26.71 5.78
N GLY E 63 24.94 25.59 5.18
CA GLY E 63 25.29 24.40 5.91
C GLY E 63 24.15 23.46 6.23
N PHE E 64 22.92 23.79 5.84
CA PHE E 64 21.79 22.93 6.09
C PHE E 64 20.72 23.17 5.03
N ALA E 65 19.82 22.20 4.89
CA ALA E 65 18.75 22.27 3.91
C ALA E 65 17.71 23.27 4.40
N PHE E 66 17.65 24.44 3.74
CA PHE E 66 16.77 25.52 4.19
C PHE E 66 15.31 25.10 4.12
N SER E 67 14.93 24.34 3.08
CA SER E 67 13.51 24.05 2.84
C SER E 67 12.92 23.17 3.94
N SER E 68 13.73 22.36 4.62
CA SER E 68 13.24 21.41 5.61
C SER E 68 13.27 21.95 7.03
N PHE E 69 13.65 23.22 7.22
CA PHE E 69 13.81 23.79 8.55
C PHE E 69 12.83 24.92 8.77
N GLY E 70 12.32 25.03 10.00
CA GLY E 70 11.53 26.18 10.39
C GLY E 70 12.39 27.29 10.96
N MET E 71 11.98 28.53 10.72
CA MET E 71 12.75 29.70 11.10
C MET E 71 11.96 30.55 12.09
N HIS E 72 12.66 31.06 13.10
CA HIS E 72 12.08 31.94 14.10
C HIS E 72 12.90 33.21 14.20
N TRP E 73 12.23 34.33 14.49
CA TRP E 73 12.88 35.61 14.73
C TRP E 73 12.64 36.02 16.17
N VAL E 74 13.72 36.37 16.87
CA VAL E 74 13.65 36.80 18.26
C VAL E 74 14.41 38.11 18.40
N ARG E 75 13.87 39.01 19.22
CA ARG E 75 14.44 40.34 19.39
C ARG E 75 15.02 40.47 20.80
N GLN E 76 16.13 41.20 20.91
CA GLN E 76 16.82 41.43 22.18
C GLN E 76 17.11 42.92 22.27
N ALA E 77 16.23 43.67 22.92
CA ALA E 77 16.48 45.09 23.10
C ALA E 77 17.68 45.30 24.02
N PRO E 78 18.43 46.38 23.82
CA PRO E 78 19.64 46.60 24.62
C PRO E 78 19.36 46.52 26.12
N GLU E 79 20.18 45.72 26.81
CA GLU E 79 20.06 45.37 28.23
C GLU E 79 18.62 45.12 28.68
N LYS E 80 17.86 44.36 27.88
CA LYS E 80 16.58 43.82 28.32
C LYS E 80 16.47 42.33 27.97
N GLY E 81 15.27 41.76 28.14
CA GLY E 81 15.08 40.35 27.92
C GLY E 81 14.70 40.00 26.48
N LEU E 82 14.67 38.70 26.20
CA LEU E 82 14.35 38.20 24.88
C LEU E 82 12.84 38.29 24.62
N GLU E 83 12.49 38.28 23.33
CA GLU E 83 11.10 38.36 22.92
C GLU E 83 10.94 37.79 21.52
N TRP E 84 9.90 36.97 21.34
CA TRP E 84 9.61 36.38 20.05
C TRP E 84 9.02 37.44 19.10
N VAL E 85 9.32 37.29 17.81
CA VAL E 85 8.86 38.23 16.80
C VAL E 85 7.96 37.55 15.80
N ALA E 86 8.49 36.57 15.08
CA ALA E 86 7.73 35.91 14.02
C ALA E 86 8.30 34.51 13.80
N TYR E 87 7.50 33.69 13.11
CA TYR E 87 7.88 32.31 12.82
C TYR E 87 7.33 31.92 11.47
N ILE E 88 8.16 31.22 10.68
CA ILE E 88 7.76 30.67 9.39
C ILE E 88 8.15 29.20 9.36
N SER E 89 7.28 28.36 8.82
CA SER E 89 7.46 26.93 8.82
C SER E 89 8.06 26.47 7.49
N SER E 90 8.20 25.15 7.35
CA SER E 90 8.72 24.58 6.11
C SER E 90 7.66 24.68 5.02
N GLY E 91 8.04 25.28 3.89
CA GLY E 91 7.11 25.49 2.81
C GLY E 91 6.18 26.68 2.99
N SER E 92 6.35 27.46 4.07
CA SER E 92 5.54 28.63 4.35
C SER E 92 4.05 28.28 4.45
N GLY E 93 3.75 27.07 4.92
CA GLY E 93 2.35 26.68 5.07
C GLY E 93 1.62 27.50 6.10
N THR E 94 2.23 27.69 7.28
CA THR E 94 1.68 28.50 8.34
C THR E 94 2.70 29.56 8.76
N ILE E 95 2.26 30.81 8.83
CA ILE E 95 3.09 31.93 9.25
C ILE E 95 2.44 32.56 10.47
N TYR E 96 3.21 32.68 11.54
CA TYR E 96 2.72 33.22 12.81
C TYR E 96 3.52 34.45 13.19
N TYR E 97 2.88 35.35 13.92
CA TYR E 97 3.48 36.60 14.38
C TYR E 97 3.15 36.81 15.84
N ALA E 98 3.96 37.65 16.49
CA ALA E 98 3.72 37.99 17.88
C ALA E 98 2.40 38.74 18.01
N ASP E 99 1.70 38.50 19.12
CA ASP E 99 0.40 39.12 19.32
C ASP E 99 0.49 40.64 19.40
N THR E 100 1.63 41.16 19.86
CA THR E 100 1.80 42.61 19.92
C THR E 100 1.93 43.23 18.54
N VAL E 101 2.50 42.49 17.59
CA VAL E 101 2.73 43.01 16.24
C VAL E 101 2.01 42.14 15.21
N LYS E 102 0.90 41.53 15.63
CA LYS E 102 0.13 40.68 14.73
C LYS E 102 -0.40 41.48 13.55
N GLY E 103 -0.24 40.94 12.34
CA GLY E 103 -0.73 41.60 11.15
C GLY E 103 0.00 42.86 10.79
N ARG E 104 1.21 43.06 11.30
CA ARG E 104 1.99 44.27 11.04
C ARG E 104 3.25 44.00 10.23
N PHE E 105 4.09 43.07 10.67
CA PHE E 105 5.33 42.76 9.97
C PHE E 105 5.07 41.73 8.87
N THR E 106 6.12 41.40 8.13
CA THR E 106 6.04 40.41 7.06
C THR E 106 7.35 39.65 6.98
N ILE E 107 7.26 38.33 7.08
CA ILE E 107 8.42 37.45 7.00
C ILE E 107 8.23 36.49 5.84
N SER E 108 9.24 36.37 4.98
CA SER E 108 9.17 35.53 3.81
C SER E 108 10.50 34.80 3.64
N ARG E 109 10.44 33.68 2.92
CA ARG E 109 11.62 32.86 2.67
C ARG E 109 11.67 32.47 1.20
N ASP E 110 12.89 32.20 0.72
CA ASP E 110 13.11 31.78 -0.67
C ASP E 110 14.14 30.65 -0.64
N ASP E 111 13.67 29.41 -0.69
CA ASP E 111 14.57 28.26 -0.68
C ASP E 111 15.56 28.23 -1.83
N PRO E 112 15.17 28.47 -3.09
CA PRO E 112 16.16 28.41 -4.18
C PRO E 112 17.34 29.35 -3.99
N LYS E 113 17.10 30.56 -3.46
CA LYS E 113 18.19 31.50 -3.22
C LYS E 113 18.81 31.36 -1.83
N ASN E 114 18.24 30.51 -0.98
CA ASN E 114 18.80 30.21 0.34
C ASN E 114 18.95 31.47 1.19
N THR E 115 17.85 32.21 1.32
CA THR E 115 17.84 33.44 2.10
C THR E 115 16.48 33.62 2.75
N LEU E 116 16.48 34.19 3.95
CA LEU E 116 15.27 34.48 4.69
C LEU E 116 15.09 36.00 4.80
N PHE E 117 13.85 36.46 4.65
CA PHE E 117 13.54 37.87 4.64
C PHE E 117 12.58 38.23 5.76
N LEU E 118 12.68 39.46 6.25
CA LEU E 118 11.77 40.00 7.27
C LEU E 118 11.52 41.46 6.93
N GLN E 119 10.29 41.77 6.52
CA GLN E 119 9.94 43.12 6.12
C GLN E 119 9.59 43.97 7.33
N MET E 120 10.24 45.13 7.45
CA MET E 120 10.01 46.06 8.56
C MET E 120 9.07 47.13 8.04
N THR E 121 7.76 46.88 8.18
CA THR E 121 6.77 47.81 7.64
C THR E 121 6.82 49.16 8.33
N SER E 122 6.84 49.17 9.67
CA SER E 122 6.90 50.39 10.43
C SER E 122 7.88 50.23 11.58
N LEU E 123 8.43 51.35 12.03
CA LEU E 123 9.47 51.35 13.06
C LEU E 123 9.06 52.29 14.19
N ARG E 124 9.13 51.78 15.43
CA ARG E 124 8.86 52.57 16.62
C ARG E 124 10.00 52.38 17.60
N SER E 125 9.89 53.01 18.77
CA SER E 125 10.91 52.90 19.80
C SER E 125 10.96 51.50 20.41
N GLU E 126 9.90 50.71 20.25
CA GLU E 126 9.87 49.35 20.77
C GLU E 126 10.59 48.37 19.86
N ASP E 127 10.88 48.76 18.62
CA ASP E 127 11.42 47.84 17.63
C ASP E 127 12.94 47.87 17.53
N THR E 128 13.63 48.63 18.40
CA THR E 128 15.09 48.60 18.43
C THR E 128 15.55 47.44 19.32
N ALA E 129 16.22 46.47 18.71
CA ALA E 129 16.58 45.25 19.43
C ALA E 129 17.66 44.50 18.66
N MET E 130 18.24 43.51 19.34
CA MET E 130 19.25 42.63 18.77
C MET E 130 18.53 41.43 18.15
N TYR E 131 18.16 41.54 16.88
CA TYR E 131 17.38 40.52 16.20
C TYR E 131 18.27 39.31 15.90
N TYR E 132 17.85 38.14 16.39
CA TYR E 132 18.53 36.88 16.12
C TYR E 132 17.63 36.00 15.25
N CYS E 133 18.26 35.27 14.33
CA CYS E 133 17.56 34.30 13.50
C CYS E 133 17.80 32.91 14.05
N VAL E 134 16.72 32.15 14.21
CA VAL E 134 16.79 30.82 14.82
C VAL E 134 16.27 29.80 13.82
N ARG E 135 16.91 28.62 13.83
CA ARG E 135 16.61 27.54 12.91
C ARG E 135 16.24 26.29 13.70
N SER E 136 15.27 25.53 13.19
CA SER E 136 14.77 24.39 13.94
C SER E 136 13.91 23.49 13.06
N ILE E 137 13.73 22.24 13.50
CA ILE E 137 12.77 21.31 12.95
C ILE E 137 11.91 20.79 14.10
N TYR E 138 10.73 20.29 13.77
CA TYR E 138 9.78 19.79 14.75
C TYR E 138 9.40 18.35 14.40
N TYR E 139 9.94 17.40 15.16
CA TYR E 139 9.56 16.00 15.05
C TYR E 139 9.93 15.32 16.37
N TYR E 140 9.66 14.01 16.44
CA TYR E 140 9.98 13.25 17.63
C TYR E 140 11.50 13.17 17.81
N GLY E 141 11.98 13.63 18.96
CA GLY E 141 13.42 13.67 19.20
C GLY E 141 14.14 14.85 18.59
N SER E 142 13.42 15.80 18.01
CA SER E 142 14.04 16.95 17.39
C SER E 142 14.60 17.89 18.45
N SER E 143 15.39 18.86 18.00
CA SER E 143 16.06 19.83 18.86
C SER E 143 15.71 21.23 18.38
N PRO E 144 14.52 21.73 18.75
CA PRO E 144 14.14 23.09 18.34
C PRO E 144 15.02 24.14 18.99
N PHE E 145 15.20 25.25 18.27
CA PHE E 145 15.93 26.41 18.77
C PHE E 145 17.37 26.05 19.17
N ASP E 146 18.01 25.20 18.37
CA ASP E 146 19.35 24.73 18.72
C ASP E 146 20.46 25.61 18.15
N PHE E 147 20.23 26.24 17.00
CA PHE E 147 21.24 27.11 16.40
C PHE E 147 20.67 28.50 16.23
N TRP E 148 21.44 29.51 16.65
CA TRP E 148 21.03 30.90 16.60
C TRP E 148 22.04 31.70 15.80
N GLY E 149 21.54 32.60 14.95
CA GLY E 149 22.43 33.42 14.14
C GLY E 149 23.08 34.53 14.95
N GLN E 150 24.14 35.10 14.38
CA GLN E 150 24.86 36.17 15.05
C GLN E 150 23.98 37.40 15.23
N GLY E 151 23.18 37.74 14.24
CA GLY E 151 22.22 38.81 14.36
C GLY E 151 22.70 40.12 13.74
N THR E 152 21.73 41.01 13.51
CA THR E 152 21.98 42.35 13.02
C THR E 152 21.29 43.36 13.91
N THR E 153 21.89 44.54 14.02
CA THR E 153 21.45 45.56 14.96
C THR E 153 20.61 46.60 14.23
N LEU E 154 19.41 46.86 14.76
CA LEU E 154 18.51 47.89 14.23
C LEU E 154 18.20 48.87 15.34
N THR E 155 18.50 50.15 15.10
CA THR E 155 18.28 51.20 16.07
C THR E 155 17.41 52.29 15.44
N VAL E 156 16.39 52.72 16.18
CA VAL E 156 15.47 53.77 15.72
C VAL E 156 15.92 55.10 16.31
N SER E 157 15.80 56.16 15.51
CA SER E 157 16.19 57.50 15.96
C SER E 157 15.17 58.06 16.94
N SER E 173 -2.94 39.99 25.91
CA SER E 173 -3.36 39.47 27.21
C SER E 173 -3.82 38.02 27.12
N ALA E 174 -4.17 37.44 28.25
CA ALA E 174 -4.64 36.06 28.35
C ALA E 174 -3.64 35.06 27.80
N ASP E 175 -2.35 35.36 27.90
CA ASP E 175 -1.29 34.49 27.42
C ASP E 175 -0.38 34.09 28.56
N ILE E 176 0.31 32.97 28.38
CA ILE E 176 1.25 32.48 29.38
C ILE E 176 2.41 33.47 29.52
N VAL E 177 2.83 33.70 30.75
CA VAL E 177 3.94 34.59 31.05
C VAL E 177 4.97 33.81 31.86
N MET E 178 6.24 33.92 31.47
CA MET E 178 7.34 33.21 32.12
C MET E 178 8.10 34.17 33.02
N THR E 179 8.24 33.79 34.28
CA THR E 179 8.91 34.63 35.28
C THR E 179 9.96 33.82 36.01
N GLN E 180 11.00 34.52 36.49
CA GLN E 180 12.08 33.93 37.25
C GLN E 180 12.13 34.55 38.64
N ALA E 181 12.39 33.70 39.64
CA ALA E 181 12.42 34.18 41.02
C ALA E 181 13.53 35.20 41.23
N THR E 182 14.70 34.95 40.67
CA THR E 182 15.85 35.83 40.80
C THR E 182 16.24 36.41 39.45
N SER E 183 17.06 37.46 39.49
CA SER E 183 17.54 38.13 38.30
C SER E 183 19.04 38.08 38.12
N SER E 184 19.81 38.03 39.20
CA SER E 184 21.26 37.95 39.12
C SER E 184 21.79 37.33 40.40
N VAL E 185 22.91 36.61 40.27
CA VAL E 185 23.56 35.99 41.42
C VAL E 185 25.03 35.75 41.10
N PRO E 186 25.95 36.08 42.01
CA PRO E 186 27.37 35.76 41.77
C PRO E 186 27.68 34.35 42.28
N VAL E 187 28.27 33.54 41.41
CA VAL E 187 28.60 32.15 41.73
C VAL E 187 30.08 31.94 41.47
N THR E 188 30.81 31.47 42.48
CA THR E 188 32.22 31.18 42.33
C THR E 188 32.41 29.94 41.45
N PRO E 189 33.49 29.89 40.67
CA PRO E 189 33.72 28.73 39.81
C PRO E 189 33.99 27.48 40.62
N GLY E 190 33.60 26.33 40.07
CA GLY E 190 33.85 25.05 40.69
C GLY E 190 32.71 24.50 41.51
N GLU E 191 31.69 25.30 41.80
CA GLU E 191 30.56 24.85 42.60
C GLU E 191 29.34 24.63 41.70
N SER E 192 28.21 24.28 42.32
CA SER E 192 26.98 23.99 41.62
C SER E 192 25.99 25.14 41.81
N VAL E 193 25.37 25.58 40.72
CA VAL E 193 24.40 26.66 40.73
C VAL E 193 23.08 26.13 40.17
N SER E 194 21.99 26.41 40.87
CA SER E 194 20.66 25.99 40.45
C SER E 194 19.72 27.18 40.42
N ILE E 195 18.84 27.20 39.42
CA ILE E 195 17.85 28.26 39.28
C ILE E 195 16.47 27.62 39.09
N SER E 196 15.44 28.41 39.34
CA SER E 196 14.06 27.95 39.24
C SER E 196 13.24 28.95 38.45
N CYS E 197 12.19 28.45 37.81
CA CYS E 197 11.29 29.27 37.01
C CYS E 197 9.84 28.91 37.33
N ARG E 198 8.96 29.91 37.21
CA ARG E 198 7.54 29.74 37.46
C ARG E 198 6.77 30.06 36.19
N SER E 199 5.80 29.21 35.86
CA SER E 199 4.97 29.39 34.67
C SER E 199 3.54 29.71 35.08
N SER E 200 2.87 30.52 34.27
CA SER E 200 1.49 30.90 34.55
C SER E 200 0.58 29.67 34.52
N LYS E 201 0.77 28.79 33.54
CA LYS E 201 -0.03 27.59 33.41
C LYS E 201 0.90 26.39 33.27
N SER E 202 0.39 25.22 33.63
CA SER E 202 1.18 23.99 33.56
C SER E 202 1.53 23.68 32.11
N LEU E 203 2.80 23.34 31.89
CA LEU E 203 3.30 23.02 30.56
C LEU E 203 3.25 21.53 30.25
N LEU E 204 2.74 20.71 31.17
CA LEU E 204 2.71 19.27 31.00
C LEU E 204 1.55 18.91 30.06
N HIS E 205 1.86 18.84 28.77
CA HIS E 205 0.88 18.42 27.79
C HIS E 205 0.54 16.95 28.01
N SER E 206 -0.68 16.57 27.62
CA SER E 206 -1.15 15.20 27.82
C SER E 206 -0.36 14.17 27.01
N ASN E 207 0.45 14.62 26.04
CA ASN E 207 1.28 13.69 25.29
C ASN E 207 2.28 12.98 26.21
N GLY E 208 2.87 13.70 27.15
CA GLY E 208 3.76 13.09 28.11
C GLY E 208 5.06 13.83 28.35
N ASN E 209 5.19 15.05 27.83
CA ASN E 209 6.40 15.83 28.05
C ASN E 209 6.05 17.31 28.09
N THR E 210 6.93 18.08 28.73
CA THR E 210 6.80 19.53 28.80
C THR E 210 7.53 20.17 27.62
N TYR E 211 7.54 21.50 27.60
CA TYR E 211 8.11 22.24 26.49
C TYR E 211 8.92 23.44 26.99
N LEU E 212 9.73 23.21 28.01
CA LEU E 212 10.59 24.26 28.57
C LEU E 212 11.97 24.16 27.96
N TYR E 213 12.46 25.28 27.42
CA TYR E 213 13.77 25.36 26.78
C TYR E 213 14.69 26.25 27.59
N TRP E 214 15.97 25.89 27.61
CA TRP E 214 17.00 26.65 28.31
C TRP E 214 18.08 27.09 27.33
N PHE E 215 18.65 28.27 27.58
CA PHE E 215 19.65 28.84 26.69
C PHE E 215 20.74 29.53 27.49
N LEU E 216 21.92 29.66 26.87
CA LEU E 216 23.05 30.36 27.44
C LEU E 216 23.52 31.42 26.46
N GLN E 217 23.42 32.68 26.86
CA GLN E 217 23.85 33.81 26.04
C GLN E 217 25.11 34.39 26.66
N ARG E 218 26.26 33.89 26.22
CA ARG E 218 27.53 34.45 26.66
C ARG E 218 27.68 35.88 26.13
N PRO E 219 28.34 36.76 26.87
CA PRO E 219 28.47 38.16 26.44
C PRO E 219 29.30 38.25 25.16
N GLY E 220 28.66 38.74 24.10
CA GLY E 220 29.30 38.92 22.82
C GLY E 220 28.91 37.92 21.75
N GLN E 221 27.98 37.01 22.03
CA GLN E 221 27.56 36.02 21.05
C GLN E 221 26.12 35.64 21.30
N SER E 222 25.53 34.99 20.30
CA SER E 222 24.11 34.63 20.34
C SER E 222 23.88 33.51 21.35
N PRO E 223 22.65 33.40 21.87
CA PRO E 223 22.34 32.30 22.80
C PRO E 223 22.44 30.95 22.12
N GLN E 224 22.78 29.93 22.91
CA GLN E 224 22.86 28.57 22.43
C GLN E 224 21.98 27.68 23.30
N LEU E 225 21.36 26.69 22.67
CA LEU E 225 20.44 25.80 23.38
C LEU E 225 21.20 24.94 24.39
N LEU E 226 20.60 24.79 25.56
CA LEU E 226 21.16 23.95 26.62
C LEU E 226 20.28 22.73 26.90
N ILE E 227 19.01 22.96 27.22
CA ILE E 227 18.07 21.88 27.50
C ILE E 227 16.76 22.19 26.79
N TYR E 228 16.24 21.22 26.04
CA TYR E 228 14.99 21.38 25.32
C TYR E 228 13.84 20.57 25.89
N ARG E 229 14.12 19.63 26.80
CA ARG E 229 13.10 18.78 27.38
C ARG E 229 13.65 18.21 28.67
N MET E 230 12.74 17.61 29.46
CA MET E 230 13.15 16.95 30.69
C MET E 230 13.81 15.61 30.40
N SER E 231 14.80 15.26 31.23
CA SER E 231 15.47 13.96 31.21
C SER E 231 16.20 13.70 29.89
N ASN E 232 16.68 14.75 29.25
CA ASN E 232 17.52 14.60 28.06
C ASN E 232 18.35 15.86 27.88
N LEU E 233 19.37 15.74 27.04
CA LEU E 233 20.35 16.80 26.85
C LEU E 233 20.40 17.19 25.37
N ALA E 234 20.87 18.41 25.13
CA ALA E 234 21.00 18.92 23.77
C ALA E 234 22.31 18.42 23.16
N SER E 235 22.64 18.91 21.97
CA SER E 235 23.84 18.51 21.25
C SER E 235 24.92 19.57 21.38
N GLY E 236 26.17 19.12 21.51
CA GLY E 236 27.27 20.04 21.65
C GLY E 236 27.35 20.73 22.99
N VAL E 237 26.78 20.13 24.03
CA VAL E 237 26.79 20.73 25.37
C VAL E 237 27.25 19.66 26.36
N PRO E 238 28.00 20.03 27.41
CA PRO E 238 28.41 19.03 28.40
C PRO E 238 27.23 18.52 29.22
N ASP E 239 27.46 17.40 29.89
CA ASP E 239 26.42 16.70 30.64
C ASP E 239 26.20 17.26 32.04
N ARG E 240 26.96 18.28 32.45
CA ARG E 240 26.77 18.84 33.78
C ARG E 240 25.42 19.51 33.95
N PHE E 241 24.77 19.93 32.87
CA PHE E 241 23.48 20.57 32.94
C PHE E 241 22.37 19.53 33.11
N SER E 242 21.42 19.82 34.00
CA SER E 242 20.27 18.96 34.22
C SER E 242 19.07 19.81 34.57
N GLY E 243 17.89 19.33 34.23
CA GLY E 243 16.67 20.06 34.49
C GLY E 243 15.53 19.12 34.85
N SER E 244 14.58 19.66 35.61
CA SER E 244 13.42 18.89 36.03
C SER E 244 12.27 19.85 36.29
N GLY E 245 11.05 19.30 36.27
CA GLY E 245 9.86 20.09 36.50
C GLY E 245 8.72 19.30 37.11
N SER E 246 7.95 19.94 37.98
CA SER E 246 6.82 19.31 38.64
C SER E 246 5.47 19.78 38.08
N GLY E 247 5.47 20.55 37.00
CA GLY E 247 4.28 21.08 36.40
C GLY E 247 3.97 22.52 36.75
N THR E 248 4.48 22.99 37.89
CA THR E 248 4.29 24.38 38.31
C THR E 248 5.61 25.14 38.40
N ALA E 249 6.59 24.62 39.13
CA ALA E 249 7.89 25.24 39.28
C ALA E 249 8.93 24.42 38.54
N PHE E 250 9.57 25.02 37.56
CA PHE E 250 10.56 24.35 36.72
C PHE E 250 11.95 24.85 37.11
N THR E 251 12.88 23.92 37.31
CA THR E 251 14.21 24.24 37.81
C THR E 251 15.28 23.69 36.88
N LEU E 252 16.41 24.39 36.83
CA LEU E 252 17.58 23.97 36.08
C LEU E 252 18.77 23.91 37.02
N THR E 253 19.51 22.80 36.99
CA THR E 253 20.66 22.58 37.86
C THR E 253 21.91 22.36 37.03
N ILE E 254 23.04 22.86 37.54
CA ILE E 254 24.35 22.68 36.91
C ILE E 254 25.24 21.95 37.89
N SER E 255 25.83 20.84 37.44
CA SER E 255 26.65 20.02 38.33
C SER E 255 27.87 20.78 38.83
N ARG E 256 28.56 21.49 37.94
CA ARG E 256 29.77 22.20 38.31
C ARG E 256 30.02 23.30 37.29
N LEU E 257 29.95 24.55 37.73
CA LEU E 257 30.07 25.69 36.83
C LEU E 257 31.54 25.92 36.45
N GLU E 258 31.78 26.09 35.15
CA GLU E 258 33.11 26.33 34.61
C GLU E 258 33.21 27.76 34.08
N ALA E 259 34.44 28.13 33.70
CA ALA E 259 34.69 29.51 33.28
C ALA E 259 33.87 29.88 32.06
N GLU E 260 33.74 28.97 31.10
CA GLU E 260 32.95 29.26 29.91
C GLU E 260 31.45 29.20 30.15
N ASP E 261 31.01 28.70 31.31
CA ASP E 261 29.59 28.60 31.60
C ASP E 261 28.97 29.90 32.07
N VAL E 262 29.78 30.95 32.29
CA VAL E 262 29.23 32.21 32.75
C VAL E 262 28.42 32.86 31.64
N GLY E 263 27.41 33.64 32.03
CA GLY E 263 26.55 34.30 31.09
C GLY E 263 25.19 34.55 31.72
N VAL E 264 24.18 34.66 30.86
CA VAL E 264 22.80 34.90 31.28
C VAL E 264 21.94 33.76 30.76
N TYR E 265 21.11 33.20 31.63
CA TYR E 265 20.27 32.05 31.29
C TYR E 265 18.88 32.53 30.88
N TYR E 266 18.38 31.99 29.78
CA TYR E 266 17.06 32.33 29.27
C TYR E 266 16.19 31.08 29.23
N CYS E 267 14.89 31.28 29.42
CA CYS E 267 13.91 30.20 29.38
C CYS E 267 12.78 30.58 28.45
N MET E 268 12.32 29.62 27.65
CA MET E 268 11.19 29.82 26.77
C MET E 268 10.34 28.56 26.76
N GLN E 269 9.02 28.74 26.86
CA GLN E 269 8.07 27.65 26.70
C GLN E 269 7.61 27.57 25.25
N HIS E 270 7.16 26.39 24.84
CA HIS E 270 6.64 26.21 23.50
C HIS E 270 5.16 25.87 23.44
N LEU E 271 4.53 25.59 24.58
CA LEU E 271 3.09 25.41 24.64
C LEU E 271 2.44 26.78 24.48
N GLU E 272 1.77 26.97 23.35
CA GLU E 272 1.15 28.28 23.03
C GLU E 272 2.18 29.07 22.24
N TYR E 273 1.88 29.32 20.99
CA TYR E 273 2.84 29.93 20.07
C TYR E 273 3.37 31.32 20.44
N PRO E 274 2.66 32.14 21.24
CA PRO E 274 3.26 33.42 21.67
C PRO E 274 4.70 33.32 22.15
N LEU E 275 5.07 32.24 22.84
CA LEU E 275 6.47 31.92 23.14
C LEU E 275 7.15 33.05 23.90
N THR E 276 6.67 33.31 25.11
CA THR E 276 7.26 34.34 25.95
C THR E 276 8.61 33.88 26.48
N PHE E 277 9.53 34.84 26.65
CA PHE E 277 10.86 34.58 27.18
C PHE E 277 10.96 35.15 28.59
N GLY E 278 11.44 34.32 29.52
CA GLY E 278 11.57 34.77 30.89
C GLY E 278 12.70 35.76 31.09
N ALA E 279 12.66 36.44 32.23
CA ALA E 279 13.71 37.40 32.57
C ALA E 279 15.05 36.68 32.74
N GLY E 280 16.10 37.27 32.20
CA GLY E 280 17.40 36.63 32.24
C GLY E 280 17.99 36.60 33.64
N THR E 281 18.62 35.48 33.97
CA THR E 281 19.38 35.34 35.21
C THR E 281 20.86 35.36 34.86
N LYS E 282 21.58 36.34 35.41
CA LYS E 282 22.99 36.54 35.11
C LYS E 282 23.86 35.93 36.21
N LEU E 283 25.01 35.42 35.79
CA LEU E 283 26.00 34.85 36.70
C LEU E 283 27.27 35.68 36.68
N GLU E 284 27.91 35.78 37.84
CA GLU E 284 29.16 36.52 37.98
C GLU E 284 30.18 35.67 38.70
N LEU E 285 31.44 35.84 38.33
CA LEU E 285 32.52 35.07 38.93
C LEU E 285 33.54 35.99 39.59
N THR F 6 42.62 -29.96 -4.65
CA THR F 6 41.45 -29.35 -5.28
C THR F 6 40.56 -28.68 -4.24
N ALA F 7 39.48 -28.06 -4.73
CA ALA F 7 38.54 -27.39 -3.83
C ALA F 7 37.63 -28.38 -3.11
N SER F 8 37.31 -29.51 -3.75
CA SER F 8 36.38 -30.47 -3.15
C SER F 8 36.95 -31.08 -1.88
N ILE F 9 38.22 -31.46 -1.89
CA ILE F 9 38.83 -32.06 -0.71
C ILE F 9 38.92 -31.06 0.43
N ALA F 10 39.27 -29.81 0.13
CA ALA F 10 39.31 -28.78 1.16
C ALA F 10 37.93 -28.53 1.74
N GLN F 11 36.90 -28.50 0.88
CA GLN F 11 35.54 -28.30 1.37
C GLN F 11 35.11 -29.46 2.26
N ALA F 12 35.44 -30.69 1.87
CA ALA F 12 35.09 -31.84 2.69
C ALA F 12 35.81 -31.79 4.03
N ARG F 13 37.09 -31.42 4.03
CA ARG F 13 37.82 -31.30 5.29
C ARG F 13 37.22 -30.24 6.18
N LYS F 14 36.87 -29.08 5.62
CA LYS F 14 36.22 -28.04 6.41
C LYS F 14 34.90 -28.53 6.98
N LEU F 15 34.12 -29.24 6.17
CA LEU F 15 32.84 -29.76 6.63
C LEU F 15 33.00 -30.75 7.78
N VAL F 16 33.97 -31.67 7.67
CA VAL F 16 34.14 -32.66 8.72
C VAL F 16 34.67 -32.03 10.00
N GLU F 17 35.57 -31.05 9.88
CA GLU F 17 36.04 -30.35 11.07
C GLU F 17 34.90 -29.57 11.73
N GLN F 18 34.06 -28.92 10.93
CA GLN F 18 32.91 -28.21 11.50
C GLN F 18 31.95 -29.16 12.18
N LEU F 19 31.72 -30.33 11.58
CA LEU F 19 30.84 -31.32 12.20
C LEU F 19 31.42 -31.82 13.52
N LYS F 20 32.73 -32.06 13.56
CA LYS F 20 33.37 -32.48 14.80
C LYS F 20 33.24 -31.40 15.88
N MET F 21 33.46 -30.14 15.50
CA MET F 21 33.34 -29.05 16.46
C MET F 21 31.91 -28.92 16.98
N GLU F 22 30.92 -29.07 16.10
CA GLU F 22 29.53 -28.98 16.52
C GLU F 22 29.15 -30.15 17.42
N ALA F 23 29.68 -31.34 17.14
CA ALA F 23 29.40 -32.50 17.98
C ALA F 23 30.10 -32.44 19.32
N ASN F 24 31.21 -31.70 19.41
CA ASN F 24 31.96 -31.61 20.66
C ASN F 24 31.26 -30.75 21.71
N ILE F 25 30.20 -30.03 21.35
CA ILE F 25 29.52 -29.13 22.27
C ILE F 25 28.70 -29.94 23.27
N ASP F 26 28.26 -29.29 24.34
CA ASP F 26 27.50 -29.93 25.41
C ASP F 26 26.01 -29.76 25.12
N ARG F 27 25.25 -30.80 25.47
CA ARG F 27 23.80 -30.79 25.31
C ARG F 27 23.14 -31.22 26.61
N ILE F 28 22.05 -30.56 26.96
CA ILE F 28 21.30 -30.86 28.17
C ILE F 28 19.99 -31.54 27.79
N LYS F 29 19.36 -32.17 28.78
CA LYS F 29 18.08 -32.82 28.56
C LYS F 29 17.02 -31.78 28.21
N VAL F 30 16.16 -32.12 27.25
CA VAL F 30 15.15 -31.18 26.79
C VAL F 30 14.10 -30.90 27.86
N SER F 31 13.94 -31.79 28.84
CA SER F 31 12.98 -31.55 29.91
C SER F 31 13.37 -30.34 30.76
N LYS F 32 14.65 -30.25 31.12
CA LYS F 32 15.11 -29.11 31.92
C LYS F 32 15.00 -27.81 31.15
N ALA F 33 15.35 -27.83 29.85
CA ALA F 33 15.22 -26.63 29.04
C ALA F 33 13.76 -26.21 28.91
N ALA F 34 12.86 -27.18 28.73
CA ALA F 34 11.43 -26.88 28.65
C ALA F 34 10.93 -26.27 29.95
N ALA F 35 11.36 -26.83 31.09
CA ALA F 35 10.95 -26.29 32.38
C ALA F 35 11.47 -24.87 32.56
N ASP F 36 12.72 -24.61 32.16
CA ASP F 36 13.27 -23.27 32.26
C ASP F 36 12.49 -22.29 31.38
N LEU F 37 12.16 -22.71 30.15
CA LEU F 37 11.40 -21.83 29.26
C LEU F 37 10.02 -21.54 29.82
N MET F 38 9.35 -22.56 30.37
CA MET F 38 8.03 -22.34 30.97
C MET F 38 8.12 -21.42 32.18
N ALA F 39 9.15 -21.60 33.01
CA ALA F 39 9.31 -20.73 34.17
C ALA F 39 9.57 -19.29 33.75
N TYR F 40 10.39 -19.09 32.71
CA TYR F 40 10.64 -17.73 32.22
C TYR F 40 9.36 -17.12 31.65
N CYS F 41 8.57 -17.91 30.92
CA CYS F 41 7.33 -17.39 30.36
C CYS F 41 6.35 -17.00 31.45
N GLU F 42 6.22 -17.83 32.49
CA GLU F 42 5.30 -17.53 33.57
C GLU F 42 5.81 -16.44 34.50
N ALA F 43 7.13 -16.18 34.52
CA ALA F 43 7.67 -15.13 35.36
C ALA F 43 7.38 -13.75 34.78
N HIS F 44 7.42 -13.62 33.46
CA HIS F 44 7.20 -12.34 32.79
C HIS F 44 5.79 -12.21 32.22
N ALA F 45 4.89 -13.11 32.61
CA ALA F 45 3.53 -13.08 32.05
C ALA F 45 2.81 -11.79 32.41
N LYS F 46 2.97 -11.31 33.65
CA LYS F 46 2.30 -10.09 34.08
C LYS F 46 2.85 -8.84 33.40
N GLU F 47 4.02 -8.91 32.77
CA GLU F 47 4.63 -7.78 32.11
C GLU F 47 4.40 -7.78 30.61
N ASP F 48 3.55 -8.66 30.09
CA ASP F 48 3.31 -8.77 28.66
C ASP F 48 1.95 -8.17 28.32
N PRO F 49 1.90 -7.00 27.68
CA PRO F 49 0.60 -6.44 27.28
C PRO F 49 -0.18 -7.31 26.31
N LEU F 50 0.50 -8.09 25.46
CA LEU F 50 -0.20 -8.95 24.52
C LEU F 50 -1.03 -10.01 25.25
N LEU F 51 -0.43 -10.63 26.28
CA LEU F 51 -1.16 -11.65 27.03
C LEU F 51 -2.29 -11.02 27.84
N THR F 52 -1.98 -9.95 28.58
CA THR F 52 -2.98 -9.23 29.37
C THR F 52 -3.12 -7.82 28.83
N PRO F 53 -4.16 -7.52 28.06
CA PRO F 53 -4.31 -6.16 27.51
C PRO F 53 -4.43 -5.13 28.62
N VAL F 54 -3.78 -4.00 28.41
CA VAL F 54 -3.79 -2.90 29.38
C VAL F 54 -5.08 -2.10 29.21
N PRO F 55 -5.58 -1.46 30.25
CA PRO F 55 -6.76 -0.60 30.08
C PRO F 55 -6.45 0.61 29.21
N ALA F 56 -7.51 1.14 28.58
CA ALA F 56 -7.36 2.26 27.68
C ALA F 56 -6.80 3.50 28.37
N SER F 57 -6.94 3.61 29.69
CA SER F 57 -6.38 4.75 30.41
C SER F 57 -4.87 4.79 30.30
N GLU F 58 -4.22 3.64 30.45
CA GLU F 58 -2.76 3.54 30.37
C GLU F 58 -2.28 3.11 28.99
N ASN F 59 -3.19 2.93 28.03
CA ASN F 59 -2.80 2.55 26.68
C ASN F 59 -2.25 3.77 25.94
N PRO F 60 -1.00 3.75 25.49
CA PRO F 60 -0.46 4.92 24.77
C PRO F 60 -1.14 5.16 23.44
N PHE F 61 -1.81 4.17 22.86
CA PHE F 61 -2.44 4.33 21.55
C PHE F 61 -3.88 4.81 21.65
N ARG F 62 -4.60 4.42 22.69
CA ARG F 62 -5.99 4.85 22.86
C ARG F 62 -6.34 4.98 24.34
#